data_3KHK
#
_entry.id   3KHK
#
_cell.length_a   80.648
_cell.length_b   80.648
_cell.length_c   179.973
_cell.angle_alpha   90.000
_cell.angle_beta   90.000
_cell.angle_gamma   90.000
#
_symmetry.space_group_name_H-M   'P 41'
#
loop_
_entity.id
_entity.type
_entity.pdbx_description
1 polymer 'Type I restriction-modification system methylation subunit'
2 non-polymer 'SULFATE ION'
3 water water
#
_entity_poly.entity_id   1
_entity_poly.type   'polypeptide(L)'
_entity_poly.pdbx_seq_one_letter_code
;MSLDIEQQFLNDLDNQLWRAADKLRSNLDAANYKHVVLGLIFLKYVSDAFEERQQELTELFQKDDDDNIYYLPREDYDSD
EAYQQAIAEELEIGDYYTEKNVFWVPKTARWNKLRDVITLPTGSVIWQDEQGEDVKLRSVSWLIDNAFDDIEKANPKLKG
ILNRISQYQLDADKLIGLINEFSLTSFNNPEYNGEKLNLKSKDILGHVYEYFLGQFALAEGKQGGQYYTPKSIVTLIVEM
LEPYKGRVYDPAMGSGGFFVSSDKFIEKHANVKHYNASEQKKQISVYGQESNPTTWKLAAMNMVIRGIDFNFGKKNADSF
LDDQHPDLRADFVMTNPPFNMKDWWHEKLADDPRWTINTNGEKRILTPPTGNANFAWMLHMLYHLAPTGSMALLLANGSM
SSNTNNEGEIRKTLVEQDLVECMVALPGQLFTNTQIPACIWFLTKDKNAKNGKRDRRGQVLFIDARKLGYMKDRVLRDFK
DEDIQKLADTFHNWQQEWSEENNQAGFCFSADLALIRKNDFVLTPGRYVGAEAEEDEGHHHHHH
;
_entity_poly.pdbx_strand_id   A,B
#
# COMPACT_ATOMS: atom_id res chain seq x y z
N GLN A 7 -11.50 -44.14 15.15
CA GLN A 7 -11.34 -44.39 13.69
C GLN A 7 -9.88 -44.67 13.26
N GLN A 8 -9.17 -43.62 12.88
CA GLN A 8 -7.94 -43.72 12.07
C GLN A 8 -6.61 -43.33 12.74
N PHE A 9 -5.52 -43.47 11.98
CA PHE A 9 -4.23 -42.94 12.40
C PHE A 9 -4.04 -41.44 12.18
N LEU A 10 -4.78 -40.85 11.24
CA LEU A 10 -4.57 -39.44 10.83
C LEU A 10 -4.19 -38.48 11.98
N ASN A 11 -4.98 -38.46 13.05
CA ASN A 11 -4.62 -37.71 14.26
C ASN A 11 -3.28 -38.19 14.83
N ASP A 12 -3.09 -39.52 14.88
CA ASP A 12 -1.85 -40.13 15.33
C ASP A 12 -0.76 -39.83 14.31
N LEU A 13 -1.13 -39.94 13.03
CA LEU A 13 -0.21 -39.75 11.91
C LEU A 13 0.23 -38.30 11.78
N ASP A 14 -0.71 -37.36 11.93
CA ASP A 14 -0.34 -35.96 12.06
C ASP A 14 0.78 -35.90 13.08
N ASN A 15 0.49 -36.43 14.27
CA ASN A 15 1.37 -36.37 15.41
C ASN A 15 2.74 -37.03 15.17
N GLN A 16 2.72 -38.22 14.56
CA GLN A 16 3.95 -38.94 14.20
C GLN A 16 4.83 -38.22 13.18
N LEU A 17 4.22 -37.57 12.19
CA LEU A 17 4.99 -36.80 11.22
C LEU A 17 5.34 -35.42 11.79
N TRP A 18 4.41 -34.87 12.56
CA TRP A 18 4.56 -33.57 13.19
C TRP A 18 5.79 -33.50 14.11
N ARG A 19 5.90 -34.48 15.00
CA ARG A 19 7.02 -34.60 15.94
C ARG A 19 8.34 -34.78 15.20
N ALA A 20 8.33 -35.66 14.19
CA ALA A 20 9.50 -35.90 13.37
C ALA A 20 9.87 -34.65 12.58
N ALA A 21 8.87 -33.86 12.21
CA ALA A 21 9.10 -32.62 11.49
C ALA A 21 9.53 -31.50 12.44
N ASP A 22 9.21 -31.66 13.72
CA ASP A 22 9.61 -30.69 14.73
C ASP A 22 11.07 -30.84 15.12
N LYS A 23 11.49 -32.10 15.32
CA LYS A 23 12.88 -32.45 15.66
C LYS A 23 13.87 -31.97 14.62
N LEU A 24 13.36 -31.56 13.45
CA LEU A 24 14.17 -31.11 12.33
C LEU A 24 14.05 -29.61 12.05
N ARG A 25 13.35 -28.86 12.90
CA ARG A 25 12.99 -27.47 12.56
C ARG A 25 14.10 -26.43 12.76
N SER A 26 15.20 -26.84 13.41
CA SER A 26 16.37 -26.01 13.58
C SER A 26 16.08 -24.55 13.92
N ASN A 27 16.78 -23.65 13.24
CA ASN A 27 16.70 -22.19 13.44
C ASN A 27 15.46 -21.50 12.91
N LEU A 28 14.68 -22.21 12.08
CA LEU A 28 13.65 -21.55 11.29
C LEU A 28 12.44 -21.10 12.08
N ASP A 29 12.12 -19.81 11.92
CA ASP A 29 10.87 -19.23 12.39
C ASP A 29 9.76 -19.97 11.69
N ALA A 30 8.80 -20.46 12.47
CA ALA A 30 7.64 -21.16 11.92
C ALA A 30 7.23 -20.59 10.55
N ALA A 31 7.10 -19.26 10.48
CA ALA A 31 6.68 -18.55 9.27
C ALA A 31 7.43 -19.02 8.01
N ASN A 32 8.71 -19.32 8.17
CA ASN A 32 9.57 -19.75 7.09
C ASN A 32 9.68 -21.27 6.94
N TYR A 33 9.63 -21.98 8.06
CA TYR A 33 9.78 -23.43 8.03
C TYR A 33 8.59 -24.03 7.31
N LYS A 34 7.40 -23.58 7.70
CA LYS A 34 6.16 -24.10 7.14
C LYS A 34 6.22 -24.20 5.63
N HIS A 35 6.80 -23.18 4.98
CA HIS A 35 6.93 -23.17 3.52
C HIS A 35 7.79 -24.34 3.04
N VAL A 36 8.81 -24.72 3.82
CA VAL A 36 9.64 -25.89 3.49
C VAL A 36 8.83 -27.17 3.59
N VAL A 37 8.18 -27.36 4.74
CA VAL A 37 7.35 -28.54 4.97
C VAL A 37 6.18 -28.64 4.00
N LEU A 38 5.35 -27.59 3.92
CA LEU A 38 4.12 -27.64 3.12
C LEU A 38 4.44 -27.82 1.63
N GLY A 39 5.34 -26.98 1.11
CA GLY A 39 5.87 -27.12 -0.25
C GLY A 39 6.39 -28.53 -0.55
N LEU A 40 7.08 -29.12 0.43
CA LEU A 40 7.48 -30.52 0.34
C LEU A 40 6.27 -31.45 0.23
N ILE A 41 5.25 -31.23 1.07
CA ILE A 41 4.04 -32.07 1.05
C ILE A 41 3.40 -31.99 -0.31
N PHE A 42 3.33 -30.79 -0.86
CA PHE A 42 2.74 -30.55 -2.17
C PHE A 42 3.46 -31.41 -3.18
N LEU A 43 4.79 -31.42 -3.09
CA LEU A 43 5.67 -32.13 -4.02
C LEU A 43 5.44 -33.64 -4.01
N LYS A 44 5.08 -34.19 -2.85
CA LYS A 44 4.75 -35.62 -2.73
C LYS A 44 3.40 -35.96 -3.32
N TYR A 45 2.43 -35.07 -3.10
CA TYR A 45 1.09 -35.24 -3.69
C TYR A 45 1.19 -35.36 -5.20
N VAL A 46 1.60 -34.27 -5.84
CA VAL A 46 1.64 -34.13 -7.30
C VAL A 46 2.28 -35.35 -7.97
N SER A 47 3.37 -35.86 -7.38
CA SER A 47 4.00 -37.08 -7.84
C SER A 47 3.07 -38.28 -7.75
N ASP A 48 2.67 -38.60 -6.52
CA ASP A 48 1.84 -39.75 -6.25
C ASP A 48 0.69 -39.82 -7.23
N ALA A 49 -0.17 -38.81 -7.24
CA ALA A 49 -1.29 -38.75 -8.18
C ALA A 49 -0.85 -39.10 -9.61
N PHE A 50 0.26 -38.50 -10.02
CA PHE A 50 0.75 -38.67 -11.39
C PHE A 50 1.22 -40.10 -11.64
N GLU A 51 2.22 -40.53 -10.87
CA GLU A 51 2.76 -41.91 -10.80
C GLU A 51 1.68 -42.98 -10.57
N GLU A 52 0.58 -42.59 -9.93
CA GLU A 52 -0.59 -43.44 -9.81
C GLU A 52 -1.36 -43.48 -11.16
N ARG A 53 -1.56 -42.30 -11.76
CA ARG A 53 -2.23 -42.21 -13.05
C ARG A 53 -1.41 -42.84 -14.17
N GLN A 54 -0.08 -42.73 -14.09
CA GLN A 54 0.76 -43.45 -15.04
C GLN A 54 0.49 -44.94 -14.84
N GLN A 55 0.45 -45.37 -13.58
CA GLN A 55 0.18 -46.75 -13.24
C GLN A 55 -1.14 -47.19 -13.82
N GLU A 56 -2.19 -46.41 -13.62
CA GLU A 56 -3.52 -46.90 -13.99
C GLU A 56 -3.72 -46.88 -15.50
N LEU A 57 -2.87 -46.13 -16.18
CA LEU A 57 -2.84 -46.10 -17.65
C LEU A 57 -1.98 -47.24 -18.19
N THR A 58 -0.97 -47.66 -17.41
CA THR A 58 -0.12 -48.78 -17.80
C THR A 58 -0.96 -50.06 -17.91
N GLU A 59 -2.07 -50.12 -17.19
CA GLU A 59 -2.94 -51.28 -17.25
C GLU A 59 -4.00 -51.16 -18.34
N LEU A 60 -4.54 -49.95 -18.53
CA LEU A 60 -5.63 -49.77 -19.50
C LEU A 60 -5.19 -49.94 -20.97
N PHE A 61 -3.96 -49.55 -21.28
CA PHE A 61 -3.39 -49.80 -22.59
C PHE A 61 -3.27 -51.30 -22.87
N GLN A 62 -3.01 -52.08 -21.82
CA GLN A 62 -2.72 -53.49 -21.99
C GLN A 62 -3.94 -54.41 -21.85
N LYS A 63 -5.08 -53.83 -21.50
CA LYS A 63 -6.33 -54.55 -21.27
C LYS A 63 -7.04 -54.86 -22.59
N ASP A 64 -7.21 -56.15 -22.87
CA ASP A 64 -7.85 -56.61 -24.09
C ASP A 64 -9.35 -56.70 -23.87
N ASP A 65 -10.07 -55.69 -24.37
CA ASP A 65 -11.51 -55.52 -24.18
C ASP A 65 -11.95 -54.47 -25.19
N ASP A 66 -13.00 -54.76 -25.95
CA ASP A 66 -13.49 -53.83 -26.98
C ASP A 66 -14.09 -52.56 -26.37
N ASP A 67 -14.78 -52.70 -25.23
CA ASP A 67 -15.40 -51.55 -24.54
C ASP A 67 -14.35 -50.60 -23.96
N ASN A 68 -13.09 -51.07 -23.91
CA ASN A 68 -11.94 -50.24 -23.53
C ASN A 68 -11.40 -49.49 -24.76
N ILE A 69 -11.18 -48.19 -24.59
CA ILE A 69 -10.72 -47.33 -25.67
C ILE A 69 -9.22 -46.95 -25.55
N TYR A 70 -8.63 -47.26 -24.40
CA TYR A 70 -7.22 -46.96 -24.16
C TYR A 70 -6.31 -48.03 -24.75
N TYR A 71 -6.92 -49.11 -25.23
CA TYR A 71 -6.18 -50.33 -25.51
C TYR A 71 -5.20 -50.22 -26.68
N LEU A 72 -3.94 -50.52 -26.38
CA LEU A 72 -2.91 -50.74 -27.40
C LEU A 72 -2.77 -52.22 -27.73
N PRO A 73 -3.23 -52.61 -28.94
CA PRO A 73 -3.16 -54.01 -29.36
C PRO A 73 -1.71 -54.47 -29.55
N ARG A 74 -1.29 -55.41 -28.72
CA ARG A 74 0.01 -56.05 -28.81
C ARG A 74 0.20 -56.70 -30.19
N GLU A 75 -0.87 -57.32 -30.69
CA GLU A 75 -0.91 -57.92 -32.02
C GLU A 75 -0.49 -56.97 -33.16
N ASP A 76 -0.67 -55.67 -32.94
CA ASP A 76 -0.25 -54.64 -33.89
C ASP A 76 1.27 -54.46 -33.89
N TYR A 77 1.95 -55.07 -32.92
CA TYR A 77 3.38 -54.92 -32.77
C TYR A 77 4.16 -56.20 -33.10
N ASP A 78 5.49 -56.05 -33.22
CA ASP A 78 6.36 -57.11 -33.72
C ASP A 78 7.41 -57.60 -32.71
N SER A 79 7.36 -57.05 -31.49
CA SER A 79 8.24 -57.46 -30.38
C SER A 79 7.71 -56.89 -29.05
N ASP A 80 8.14 -57.47 -27.93
CA ASP A 80 7.77 -56.94 -26.61
C ASP A 80 8.32 -55.53 -26.42
N GLU A 81 9.63 -55.40 -26.56
CA GLU A 81 10.33 -54.12 -26.45
C GLU A 81 9.70 -53.03 -27.33
N ALA A 82 9.24 -53.42 -28.52
CA ALA A 82 8.56 -52.49 -29.44
C ALA A 82 7.14 -52.14 -28.98
N TYR A 83 6.54 -53.04 -28.18
CA TYR A 83 5.26 -52.78 -27.54
C TYR A 83 5.45 -51.85 -26.34
N GLN A 84 6.54 -52.04 -25.60
CA GLN A 84 6.90 -51.20 -24.45
C GLN A 84 7.14 -49.76 -24.88
N GLN A 85 7.84 -49.60 -26.02
CA GLN A 85 8.15 -48.29 -26.58
C GLN A 85 6.88 -47.49 -26.91
N ALA A 86 5.88 -48.17 -27.47
CA ALA A 86 4.60 -47.55 -27.83
C ALA A 86 3.84 -47.12 -26.58
N ILE A 87 3.79 -48.01 -25.60
CA ILE A 87 3.26 -47.76 -24.28
C ILE A 87 3.89 -46.48 -23.74
N ALA A 88 5.21 -46.49 -23.63
CA ALA A 88 5.98 -45.39 -23.09
C ALA A 88 5.73 -44.07 -23.78
N GLU A 89 5.46 -44.11 -25.08
CA GLU A 89 5.15 -42.91 -25.84
C GLU A 89 3.69 -42.49 -25.61
N GLU A 90 2.79 -43.48 -25.54
CA GLU A 90 1.39 -43.26 -25.21
C GLU A 90 1.26 -42.56 -23.88
N LEU A 91 2.10 -42.97 -22.92
CA LEU A 91 2.22 -42.23 -21.66
C LEU A 91 2.50 -40.74 -21.88
N GLU A 92 3.39 -40.42 -22.82
CA GLU A 92 3.79 -39.03 -23.08
C GLU A 92 2.67 -38.16 -23.71
N ILE A 93 1.45 -38.71 -23.79
CA ILE A 93 0.29 -37.93 -24.27
C ILE A 93 -0.40 -37.16 -23.12
N GLY A 94 -0.21 -35.84 -23.14
CA GLY A 94 -0.67 -34.97 -22.08
C GLY A 94 -2.15 -35.02 -21.77
N ASP A 95 -2.95 -35.43 -22.74
CA ASP A 95 -4.40 -35.38 -22.62
C ASP A 95 -4.90 -36.22 -21.45
N TYR A 96 -4.28 -37.38 -21.25
CA TYR A 96 -4.67 -38.37 -20.25
C TYR A 96 -4.48 -37.88 -18.81
N TYR A 97 -3.68 -36.83 -18.64
CA TYR A 97 -3.43 -36.25 -17.31
C TYR A 97 -4.33 -35.06 -17.03
N THR A 98 -4.51 -34.20 -18.03
CA THR A 98 -5.49 -33.13 -17.96
C THR A 98 -6.95 -33.64 -17.87
N GLU A 99 -7.26 -34.79 -18.47
CA GLU A 99 -8.65 -35.30 -18.48
C GLU A 99 -9.18 -35.79 -17.10
N LYS A 100 -8.28 -36.04 -16.16
CA LYS A 100 -8.66 -36.46 -14.81
C LYS A 100 -8.12 -35.49 -13.75
N ASN A 101 -7.50 -34.40 -14.22
CA ASN A 101 -6.95 -33.35 -13.36
C ASN A 101 -5.63 -33.72 -12.70
N VAL A 102 -4.78 -34.38 -13.48
CA VAL A 102 -3.39 -34.65 -13.09
C VAL A 102 -2.47 -33.66 -13.79
N PHE A 103 -1.48 -33.17 -13.05
CA PHE A 103 -0.54 -32.19 -13.59
C PHE A 103 0.73 -32.88 -14.04
N TRP A 104 1.34 -32.44 -15.14
CA TRP A 104 2.53 -33.12 -15.63
C TRP A 104 3.72 -32.88 -14.69
N VAL A 105 4.30 -33.97 -14.18
CA VAL A 105 5.50 -33.85 -13.35
C VAL A 105 6.69 -34.37 -14.13
N PRO A 106 7.54 -33.45 -14.62
CA PRO A 106 8.75 -33.81 -15.36
C PRO A 106 9.63 -34.84 -14.67
N LYS A 107 10.53 -35.45 -15.42
CA LYS A 107 11.51 -36.40 -14.89
C LYS A 107 12.07 -35.88 -13.58
N THR A 108 12.57 -34.65 -13.63
CA THR A 108 13.34 -34.02 -12.56
C THR A 108 12.55 -33.87 -11.25
N ALA A 109 11.35 -33.32 -11.36
CA ALA A 109 10.52 -33.02 -10.21
C ALA A 109 10.02 -34.24 -9.45
N ARG A 110 9.94 -35.39 -10.13
CA ARG A 110 9.32 -36.61 -9.55
C ARG A 110 9.94 -37.03 -8.21
N TRP A 111 9.06 -37.18 -7.22
CA TRP A 111 9.46 -37.48 -5.85
C TRP A 111 10.35 -38.71 -5.79
N ASN A 112 9.87 -39.80 -6.38
CA ASN A 112 10.57 -41.06 -6.28
C ASN A 112 12.01 -40.98 -6.77
N LYS A 113 12.24 -40.11 -7.74
CA LYS A 113 13.57 -39.83 -8.20
C LYS A 113 14.42 -39.05 -7.18
N LEU A 114 13.80 -38.10 -6.47
CA LEU A 114 14.55 -37.19 -5.58
C LEU A 114 15.11 -37.83 -4.30
N ARG A 115 14.36 -38.76 -3.71
CA ARG A 115 14.80 -39.48 -2.52
C ARG A 115 16.17 -40.18 -2.74
N ASP A 116 16.35 -40.74 -3.94
CA ASP A 116 17.55 -41.52 -4.30
C ASP A 116 18.73 -40.67 -4.75
N VAL A 117 18.48 -39.44 -5.18
CA VAL A 117 19.56 -38.54 -5.66
C VAL A 117 20.35 -37.96 -4.47
N ILE A 118 21.20 -38.81 -3.90
CA ILE A 118 22.09 -38.46 -2.80
C ILE A 118 23.42 -37.97 -3.36
N THR A 119 23.92 -38.70 -4.35
CA THR A 119 25.22 -38.46 -4.99
C THR A 119 26.28 -37.75 -4.11
N LEU A 120 26.37 -36.43 -4.26
CA LEU A 120 27.29 -35.56 -3.55
C LEU A 120 26.75 -34.16 -3.84
N PRO A 121 27.58 -33.10 -3.70
CA PRO A 121 27.19 -31.82 -4.28
C PRO A 121 26.88 -31.93 -5.77
N THR A 122 27.57 -32.87 -6.44
CA THR A 122 27.21 -33.32 -7.79
C THR A 122 27.47 -34.83 -7.92
N SER A 139 23.46 -27.78 -3.85
CA SER A 139 22.58 -27.93 -2.70
C SER A 139 21.31 -28.71 -3.06
N VAL A 140 20.79 -29.46 -2.10
CA VAL A 140 19.52 -30.19 -2.31
C VAL A 140 18.32 -29.23 -2.37
N SER A 141 18.43 -28.11 -1.67
CA SER A 141 17.50 -26.98 -1.83
C SER A 141 17.38 -26.52 -3.28
N TRP A 142 18.50 -26.58 -4.02
CA TRP A 142 18.47 -26.25 -5.45
C TRP A 142 17.51 -27.18 -6.17
N LEU A 143 17.55 -28.46 -5.81
CA LEU A 143 16.79 -29.49 -6.49
C LEU A 143 15.27 -29.27 -6.39
N ILE A 144 14.77 -29.13 -5.15
CA ILE A 144 13.35 -28.90 -4.87
C ILE A 144 12.88 -27.71 -5.68
N ASP A 145 13.58 -26.59 -5.50
CA ASP A 145 13.26 -25.31 -6.13
C ASP A 145 13.19 -25.51 -7.63
N ASN A 146 14.16 -26.24 -8.16
CA ASN A 146 14.26 -26.50 -9.60
C ASN A 146 13.13 -27.41 -10.08
N ALA A 147 12.82 -28.44 -9.28
CA ALA A 147 11.63 -29.27 -9.47
C ALA A 147 10.38 -28.40 -9.58
N PHE A 148 10.12 -27.56 -8.56
CA PHE A 148 8.97 -26.65 -8.60
C PHE A 148 8.95 -25.89 -9.91
N ASP A 149 10.10 -25.32 -10.25
CA ASP A 149 10.30 -24.61 -11.51
C ASP A 149 9.84 -25.52 -12.66
N ASP A 150 10.52 -26.66 -12.80
CA ASP A 150 10.19 -27.66 -13.81
C ASP A 150 8.69 -28.00 -13.88
N ILE A 151 8.04 -28.09 -12.72
CA ILE A 151 6.60 -28.38 -12.62
C ILE A 151 5.76 -27.24 -13.15
N GLU A 152 6.18 -26.01 -12.86
CA GLU A 152 5.40 -24.83 -13.28
C GLU A 152 5.29 -24.67 -14.80
N LYS A 153 6.41 -24.63 -15.51
CA LYS A 153 6.39 -24.48 -16.98
C LYS A 153 5.58 -25.59 -17.66
N ALA A 154 5.45 -26.73 -16.99
CA ALA A 154 4.73 -27.87 -17.53
C ALA A 154 3.22 -27.75 -17.36
N ASN A 155 2.79 -26.88 -16.45
CA ASN A 155 1.37 -26.72 -16.11
C ASN A 155 1.03 -25.25 -15.85
N PRO A 156 0.95 -24.42 -16.90
CA PRO A 156 0.63 -22.99 -16.78
C PRO A 156 -0.42 -22.63 -15.71
N LYS A 157 -1.41 -23.50 -15.51
CA LYS A 157 -2.45 -23.26 -14.49
C LYS A 157 -1.84 -23.06 -13.10
N LEU A 158 -0.56 -23.39 -12.98
CA LEU A 158 0.14 -23.36 -11.69
C LEU A 158 1.34 -22.40 -11.63
N LYS A 159 1.30 -21.35 -12.45
CA LYS A 159 2.38 -20.37 -12.51
C LYS A 159 2.43 -19.40 -11.31
N GLY A 160 3.61 -19.30 -10.69
CA GLY A 160 3.83 -18.42 -9.53
C GLY A 160 3.57 -19.08 -8.19
N ILE A 161 2.62 -20.01 -8.17
CA ILE A 161 2.11 -20.64 -6.94
C ILE A 161 3.10 -21.38 -6.04
N LEU A 162 4.22 -21.86 -6.58
CA LEU A 162 5.11 -22.64 -5.74
C LEU A 162 6.10 -21.79 -4.95
N ASN A 163 5.87 -21.75 -3.64
CA ASN A 163 6.76 -21.08 -2.69
C ASN A 163 8.09 -21.74 -2.75
N ARG A 164 9.06 -21.04 -3.31
CA ARG A 164 10.40 -21.59 -3.43
C ARG A 164 11.02 -21.58 -2.03
N ILE A 165 11.97 -22.48 -1.79
CA ILE A 165 12.50 -22.68 -0.43
C ILE A 165 14.02 -22.58 -0.32
N SER A 166 14.59 -21.71 -1.15
CA SER A 166 16.02 -21.39 -1.11
C SER A 166 16.25 -20.21 -0.14
N GLN A 167 15.28 -19.31 -0.14
CA GLN A 167 15.23 -18.13 0.70
C GLN A 167 15.49 -18.53 2.15
N TYR A 168 14.71 -19.51 2.63
CA TYR A 168 14.83 -20.07 3.98
C TYR A 168 15.97 -21.07 3.97
N GLN A 169 17.08 -20.69 4.60
CA GLN A 169 18.35 -21.38 4.43
C GLN A 169 18.58 -22.49 5.45
N LEU A 170 17.74 -23.52 5.36
CA LEU A 170 17.82 -24.71 6.22
C LEU A 170 19.01 -25.58 5.82
N ASP A 171 19.51 -26.36 6.78
CA ASP A 171 20.61 -27.31 6.52
C ASP A 171 20.13 -28.50 5.69
N ALA A 172 20.90 -28.80 4.64
CA ALA A 172 20.58 -29.87 3.70
C ALA A 172 20.19 -31.20 4.35
N ASP A 173 20.91 -31.59 5.40
CA ASP A 173 20.67 -32.88 6.07
C ASP A 173 19.36 -32.89 6.85
N LYS A 174 18.85 -31.69 7.17
CA LYS A 174 17.53 -31.55 7.76
C LYS A 174 16.48 -31.76 6.67
N LEU A 175 16.73 -31.11 5.52
CA LEU A 175 15.90 -31.28 4.33
C LEU A 175 15.89 -32.74 3.89
N ILE A 176 17.07 -33.33 3.79
CA ILE A 176 17.23 -34.75 3.47
C ILE A 176 16.38 -35.57 4.44
N GLY A 177 16.63 -35.38 5.73
CA GLY A 177 15.86 -36.05 6.79
C GLY A 177 14.37 -35.80 6.71
N LEU A 178 14.00 -34.60 6.28
CA LEU A 178 12.62 -34.21 6.02
C LEU A 178 12.06 -35.05 4.88
N ILE A 179 12.78 -35.09 3.76
CA ILE A 179 12.39 -35.96 2.65
C ILE A 179 12.22 -37.43 3.09
N ASN A 180 13.17 -37.95 3.87
CA ASN A 180 13.05 -39.31 4.41
C ASN A 180 11.80 -39.53 5.25
N GLU A 181 11.41 -38.54 6.04
CA GLU A 181 10.25 -38.68 6.94
C GLU A 181 8.88 -38.72 6.27
N PHE A 182 8.75 -38.13 5.09
CA PHE A 182 7.50 -38.18 4.34
C PHE A 182 7.37 -39.39 3.41
N SER A 183 8.48 -40.09 3.18
CA SER A 183 8.52 -41.27 2.30
C SER A 183 7.62 -42.44 2.78
N LYS A 202 -2.73 -42.20 -1.19
CA LYS A 202 -2.98 -40.93 -1.87
C LYS A 202 -4.08 -40.06 -1.24
N ASP A 203 -5.14 -40.72 -0.76
CA ASP A 203 -6.34 -40.05 -0.20
C ASP A 203 -6.04 -39.04 0.93
N ILE A 204 -4.88 -39.23 1.56
CA ILE A 204 -4.57 -38.68 2.88
C ILE A 204 -4.03 -37.25 2.88
N LEU A 205 -3.05 -36.99 2.01
CA LEU A 205 -2.21 -35.80 2.09
C LEU A 205 -2.98 -34.50 2.29
N GLY A 206 -4.21 -34.45 1.81
CA GLY A 206 -5.14 -33.34 2.06
C GLY A 206 -5.27 -33.07 3.55
N HIS A 207 -5.67 -34.08 4.30
CA HIS A 207 -5.70 -33.99 5.75
C HIS A 207 -4.32 -33.66 6.31
N VAL A 208 -3.30 -34.36 5.81
CA VAL A 208 -1.91 -34.20 6.24
C VAL A 208 -1.24 -32.88 5.77
N TYR A 209 -1.94 -32.10 4.97
CA TYR A 209 -1.48 -30.76 4.57
C TYR A 209 -2.16 -29.68 5.43
N GLU A 210 -3.47 -29.82 5.61
CA GLU A 210 -4.27 -28.85 6.39
C GLU A 210 -4.03 -28.92 7.91
N TYR A 211 -3.57 -30.06 8.42
CA TYR A 211 -3.07 -30.10 9.79
C TYR A 211 -1.85 -29.20 9.98
N PHE A 212 -0.83 -29.42 9.14
CA PHE A 212 0.42 -28.71 9.27
C PHE A 212 0.17 -27.23 9.15
N LEU A 213 -0.66 -26.89 8.18
CA LEU A 213 -1.07 -25.52 7.93
C LEU A 213 -1.73 -24.93 9.18
N GLY A 214 -2.66 -25.69 9.78
CA GLY A 214 -3.24 -25.32 11.07
C GLY A 214 -2.21 -25.18 12.18
N GLN A 215 -1.37 -26.20 12.33
CA GLN A 215 -0.36 -26.25 13.41
C GLN A 215 0.79 -25.25 13.23
N PHE A 216 1.05 -24.86 12.00
CA PHE A 216 2.01 -23.78 11.78
C PHE A 216 1.35 -22.44 12.04
N ALA A 217 0.01 -22.41 11.96
CA ALA A 217 -0.76 -21.24 12.34
C ALA A 217 -0.58 -20.99 13.82
N LEU A 218 -0.88 -22.00 14.63
CA LEU A 218 -0.73 -21.91 16.09
C LEU A 218 0.66 -21.44 16.52
N ALA A 219 1.68 -22.15 16.04
CA ALA A 219 3.07 -21.93 16.45
C ALA A 219 3.73 -20.70 15.84
N GLU A 220 3.01 -19.96 15.01
CA GLU A 220 3.56 -18.70 14.49
C GLU A 220 3.04 -17.50 15.29
N GLY A 221 2.07 -17.75 16.17
CA GLY A 221 1.37 -16.68 16.90
C GLY A 221 0.81 -15.60 15.99
N LYS A 222 0.41 -16.02 14.79
CA LYS A 222 -0.24 -15.14 13.82
C LYS A 222 -1.70 -15.54 13.70
N GLN A 223 -2.55 -14.63 14.18
CA GLN A 223 -3.99 -14.86 14.33
C GLN A 223 -4.83 -14.11 13.27
N GLY A 224 -6.03 -14.64 13.02
CA GLY A 224 -6.97 -14.05 12.07
C GLY A 224 -7.27 -14.94 10.88
N GLY A 225 -8.51 -14.91 10.41
CA GLY A 225 -8.96 -15.78 9.32
C GLY A 225 -8.09 -15.76 8.07
N GLN A 226 -7.24 -14.74 7.95
CA GLN A 226 -6.25 -14.67 6.88
C GLN A 226 -5.14 -15.71 7.12
N TYR A 227 -4.94 -16.06 8.39
CA TYR A 227 -3.92 -17.01 8.76
C TYR A 227 -4.44 -18.44 8.93
N TYR A 228 -5.59 -18.57 9.58
CA TYR A 228 -6.21 -19.87 9.80
C TYR A 228 -7.56 -19.79 10.51
N THR A 229 -8.56 -20.46 9.99
CA THR A 229 -9.81 -20.64 10.73
C THR A 229 -9.98 -22.11 11.09
N PRO A 230 -10.17 -22.41 12.38
CA PRO A 230 -10.21 -23.83 12.74
C PRO A 230 -11.37 -24.60 12.09
N LYS A 231 -11.22 -25.91 11.99
CA LYS A 231 -12.23 -26.75 11.36
C LYS A 231 -13.65 -26.50 11.91
N SER A 232 -13.78 -26.32 13.22
CA SER A 232 -15.10 -26.17 13.83
C SER A 232 -15.91 -25.07 13.16
N ILE A 233 -15.47 -23.83 13.31
CA ILE A 233 -16.19 -22.66 12.80
C ILE A 233 -16.45 -22.74 11.29
N VAL A 234 -15.43 -23.11 10.55
CA VAL A 234 -15.49 -23.26 9.13
C VAL A 234 -16.45 -24.38 8.69
N THR A 235 -16.69 -25.36 9.56
CA THR A 235 -17.63 -26.43 9.24
C THR A 235 -19.04 -25.97 9.65
N LEU A 236 -19.12 -25.20 10.73
CA LEU A 236 -20.39 -24.60 11.12
C LEU A 236 -20.97 -23.66 10.05
N ILE A 237 -20.24 -22.59 9.73
CA ILE A 237 -20.66 -21.65 8.69
C ILE A 237 -21.12 -22.43 7.45
N VAL A 238 -20.24 -23.26 6.90
CA VAL A 238 -20.52 -24.03 5.70
C VAL A 238 -21.79 -24.89 5.86
N GLU A 239 -21.91 -25.60 6.98
CA GLU A 239 -23.11 -26.39 7.30
C GLU A 239 -24.38 -25.56 7.39
N MET A 240 -24.30 -24.33 7.89
CA MET A 240 -25.46 -23.45 7.92
C MET A 240 -25.77 -22.86 6.54
N LEU A 241 -24.73 -22.70 5.73
CA LEU A 241 -24.90 -22.09 4.43
C LEU A 241 -25.55 -23.04 3.45
N GLU A 242 -25.08 -24.29 3.47
CA GLU A 242 -25.53 -25.28 2.51
C GLU A 242 -25.16 -24.84 1.09
N PRO A 243 -23.86 -24.93 0.72
CA PRO A 243 -23.41 -24.60 -0.64
C PRO A 243 -23.53 -25.75 -1.64
N TYR A 244 -24.75 -26.08 -2.04
CA TYR A 244 -24.96 -27.20 -2.96
C TYR A 244 -24.61 -26.93 -4.41
N LYS A 245 -25.05 -25.79 -4.91
CA LYS A 245 -24.94 -25.48 -6.32
C LYS A 245 -24.64 -24.00 -6.39
N GLY A 246 -23.82 -23.59 -7.36
CA GLY A 246 -23.60 -22.18 -7.60
C GLY A 246 -22.19 -21.68 -7.41
N ARG A 247 -22.03 -20.38 -7.61
CA ARG A 247 -20.75 -19.74 -7.45
C ARG A 247 -20.51 -19.50 -5.97
N VAL A 248 -19.36 -19.98 -5.51
CA VAL A 248 -18.97 -19.83 -4.11
C VAL A 248 -17.81 -18.83 -3.98
N TYR A 249 -17.94 -17.90 -3.04
CA TYR A 249 -17.00 -16.78 -2.91
C TYR A 249 -16.55 -16.49 -1.49
N ASP A 250 -15.24 -16.31 -1.33
CA ASP A 250 -14.66 -15.74 -0.14
C ASP A 250 -13.71 -14.61 -0.54
N PRO A 251 -14.03 -13.37 -0.12
CA PRO A 251 -13.31 -12.16 -0.47
C PRO A 251 -12.08 -11.86 0.39
N ALA A 252 -11.72 -12.78 1.27
CA ALA A 252 -10.57 -12.66 2.17
C ALA A 252 -10.34 -14.07 2.67
N MET A 253 -9.77 -14.90 1.80
CA MET A 253 -9.85 -16.35 1.98
C MET A 253 -8.78 -16.94 2.90
N GLY A 254 -7.61 -16.32 2.94
CA GLY A 254 -6.52 -16.88 3.72
C GLY A 254 -6.05 -18.12 2.98
N SER A 255 -5.88 -19.24 3.69
CA SER A 255 -5.47 -20.48 3.02
C SER A 255 -6.60 -21.23 2.31
N GLY A 256 -7.81 -20.66 2.34
CA GLY A 256 -8.95 -21.21 1.59
C GLY A 256 -9.69 -22.33 2.30
N GLY A 257 -9.52 -22.40 3.63
CA GLY A 257 -10.22 -23.38 4.46
C GLY A 257 -11.69 -23.55 4.12
N PHE A 258 -12.37 -22.46 3.85
CA PHE A 258 -13.80 -22.51 3.50
C PHE A 258 -14.05 -23.33 2.24
N PHE A 259 -13.12 -23.27 1.27
CA PHE A 259 -13.27 -23.99 0.02
C PHE A 259 -13.05 -25.50 0.22
N VAL A 260 -12.15 -25.85 1.12
CA VAL A 260 -11.94 -27.25 1.51
C VAL A 260 -13.22 -27.76 2.15
N SER A 261 -13.60 -27.09 3.23
CA SER A 261 -14.89 -27.27 3.88
C SER A 261 -16.07 -27.39 2.88
N SER A 262 -16.16 -26.47 1.92
CA SER A 262 -17.26 -26.48 0.95
C SER A 262 -17.28 -27.77 0.20
N ASP A 263 -16.10 -28.15 -0.29
CA ASP A 263 -15.90 -29.36 -1.05
C ASP A 263 -16.24 -30.61 -0.24
N LYS A 264 -15.83 -30.64 1.03
CA LYS A 264 -16.11 -31.80 1.88
C LYS A 264 -17.61 -31.89 2.14
N PHE A 265 -18.23 -30.74 2.36
CA PHE A 265 -19.66 -30.67 2.67
C PHE A 265 -20.48 -31.45 1.63
N ILE A 266 -20.21 -31.18 0.35
CA ILE A 266 -20.76 -31.94 -0.77
C ILE A 266 -20.53 -33.46 -0.61
N GLU A 267 -19.29 -33.85 -0.34
CA GLU A 267 -18.93 -35.27 -0.18
C GLU A 267 -19.78 -36.02 0.86
N LYS A 268 -19.93 -35.45 2.06
CA LYS A 268 -20.53 -36.19 3.16
C LYS A 268 -22.06 -36.20 3.15
N HIS A 269 -22.65 -35.32 2.35
CA HIS A 269 -24.10 -35.26 2.22
C HIS A 269 -24.57 -36.04 1.00
N ALA A 270 -23.63 -36.54 0.21
CA ALA A 270 -23.93 -37.27 -1.03
C ALA A 270 -24.92 -38.42 -0.83
N ASN A 271 -24.55 -39.36 0.03
CA ASN A 271 -25.36 -40.53 0.34
C ASN A 271 -26.82 -40.17 0.59
N VAL A 272 -27.11 -39.59 1.76
CA VAL A 272 -28.46 -39.21 2.13
C VAL A 272 -29.15 -38.45 1.00
N LYS A 273 -28.41 -37.57 0.32
CA LYS A 273 -28.97 -36.78 -0.77
C LYS A 273 -29.13 -37.61 -2.05
N HIS A 274 -28.37 -38.70 -2.13
CA HIS A 274 -28.38 -39.62 -3.29
C HIS A 274 -28.03 -38.94 -4.61
N TYR A 275 -27.01 -38.06 -4.58
CA TYR A 275 -26.33 -37.62 -5.81
C TYR A 275 -24.95 -38.27 -5.85
N ASN A 276 -24.24 -38.09 -6.97
CA ASN A 276 -22.87 -38.57 -7.08
C ASN A 276 -21.91 -37.42 -6.77
N ALA A 277 -21.18 -37.55 -5.66
CA ALA A 277 -20.36 -36.46 -5.12
C ALA A 277 -19.39 -35.87 -6.14
N SER A 278 -18.75 -36.74 -6.92
CA SER A 278 -17.81 -36.35 -7.95
C SER A 278 -18.43 -35.38 -8.97
N GLU A 279 -19.69 -35.62 -9.32
CA GLU A 279 -20.43 -34.80 -10.29
C GLU A 279 -21.08 -33.58 -9.65
N GLN A 280 -21.38 -33.68 -8.35
CA GLN A 280 -21.99 -32.57 -7.61
C GLN A 280 -21.06 -31.36 -7.43
N LYS A 281 -19.77 -31.64 -7.23
CA LYS A 281 -18.71 -30.63 -7.16
C LYS A 281 -18.57 -29.81 -8.45
N LYS A 282 -19.11 -30.32 -9.56
CA LYS A 282 -19.12 -29.59 -10.84
C LYS A 282 -20.18 -28.47 -10.82
N GLN A 283 -21.09 -28.57 -9.86
CA GLN A 283 -22.16 -27.58 -9.73
C GLN A 283 -21.71 -26.37 -8.89
N ILE A 284 -20.46 -26.39 -8.44
CA ILE A 284 -19.91 -25.27 -7.70
C ILE A 284 -18.67 -24.76 -8.41
N SER A 285 -18.58 -23.44 -8.55
CA SER A 285 -17.34 -22.80 -8.99
C SER A 285 -16.81 -21.88 -7.89
N VAL A 286 -15.49 -21.91 -7.72
CA VAL A 286 -14.83 -21.32 -6.57
C VAL A 286 -14.17 -20.00 -6.93
N TYR A 287 -14.62 -18.93 -6.29
CA TYR A 287 -14.00 -17.59 -6.44
C TYR A 287 -13.41 -17.16 -5.11
N GLY A 288 -12.29 -16.45 -5.14
CA GLY A 288 -11.72 -15.98 -3.90
C GLY A 288 -10.77 -14.84 -4.11
N GLN A 289 -10.40 -14.19 -3.00
CA GLN A 289 -9.37 -13.19 -2.99
C GLN A 289 -8.60 -13.18 -1.67
N GLU A 290 -7.30 -12.89 -1.76
CA GLU A 290 -6.42 -12.74 -0.62
C GLU A 290 -5.24 -11.85 -0.99
N SER A 291 -5.02 -10.80 -0.20
CA SER A 291 -3.93 -9.82 -0.41
C SER A 291 -2.52 -10.24 0.03
N ASN A 292 -2.41 -11.21 0.94
CA ASN A 292 -1.10 -11.69 1.35
C ASN A 292 -0.50 -12.67 0.30
N PRO A 293 0.64 -12.28 -0.32
CA PRO A 293 1.31 -13.01 -1.40
C PRO A 293 1.60 -14.49 -1.15
N THR A 294 2.13 -14.83 0.02
CA THR A 294 2.42 -16.23 0.34
C THR A 294 1.16 -17.00 0.74
N THR A 295 0.21 -16.32 1.40
CA THR A 295 -1.06 -16.94 1.74
C THR A 295 -1.87 -17.35 0.49
N TRP A 296 -1.86 -16.48 -0.53
CA TRP A 296 -2.44 -16.76 -1.82
C TRP A 296 -1.84 -18.06 -2.39
N LYS A 297 -0.51 -18.19 -2.35
CA LYS A 297 0.11 -19.44 -2.80
C LYS A 297 -0.22 -20.63 -1.88
N LEU A 298 -0.28 -20.41 -0.56
CA LEU A 298 -0.74 -21.46 0.34
C LEU A 298 -2.13 -21.93 -0.05
N ALA A 299 -3.02 -20.99 -0.38
CA ALA A 299 -4.38 -21.35 -0.84
C ALA A 299 -4.38 -22.12 -2.16
N ALA A 300 -3.67 -21.61 -3.16
CA ALA A 300 -3.66 -22.28 -4.45
C ALA A 300 -3.07 -23.69 -4.29
N MET A 301 -1.99 -23.80 -3.52
CA MET A 301 -1.45 -25.12 -3.24
C MET A 301 -2.49 -26.07 -2.64
N ASN A 302 -3.28 -25.57 -1.69
CA ASN A 302 -4.34 -26.36 -1.05
C ASN A 302 -5.41 -26.83 -2.04
N MET A 303 -5.89 -25.96 -2.95
CA MET A 303 -6.97 -26.33 -3.88
C MET A 303 -6.55 -27.46 -4.79
N VAL A 304 -5.27 -27.46 -5.18
CA VAL A 304 -4.68 -28.50 -6.00
C VAL A 304 -4.72 -29.85 -5.30
N ILE A 305 -4.10 -29.93 -4.12
CA ILE A 305 -4.21 -31.13 -3.28
C ILE A 305 -5.65 -31.61 -3.14
N ARG A 306 -6.60 -30.70 -2.99
CA ARG A 306 -8.01 -31.11 -2.89
C ARG A 306 -8.66 -31.39 -4.24
N GLY A 307 -7.91 -31.18 -5.32
CA GLY A 307 -8.42 -31.34 -6.68
C GLY A 307 -9.63 -30.48 -7.02
N ILE A 308 -9.63 -29.26 -6.47
CA ILE A 308 -10.73 -28.32 -6.62
C ILE A 308 -10.31 -27.24 -7.61
N ASP A 309 -11.20 -26.95 -8.58
CA ASP A 309 -10.98 -25.92 -9.57
C ASP A 309 -11.15 -24.58 -8.86
N PHE A 310 -10.32 -23.60 -9.19
CA PHE A 310 -10.36 -22.34 -8.46
C PHE A 310 -10.10 -21.11 -9.31
N ASN A 311 -10.85 -20.06 -9.00
CA ASN A 311 -10.49 -18.72 -9.46
C ASN A 311 -10.24 -17.83 -8.27
N PHE A 312 -8.99 -17.38 -8.17
CA PHE A 312 -8.51 -16.48 -7.12
C PHE A 312 -8.00 -15.19 -7.77
N GLY A 313 -8.47 -14.89 -8.96
CA GLY A 313 -8.12 -13.64 -9.62
C GLY A 313 -6.71 -13.61 -10.16
N LYS A 314 -6.36 -12.48 -10.79
CA LYS A 314 -5.12 -12.29 -11.52
C LYS A 314 -3.92 -12.53 -10.62
N LYS A 315 -4.10 -12.29 -9.34
CA LYS A 315 -2.98 -12.12 -8.42
C LYS A 315 -3.49 -11.77 -7.02
N ASN A 316 -2.67 -12.00 -6.01
CA ASN A 316 -2.97 -11.51 -4.68
C ASN A 316 -3.14 -9.98 -4.71
N ALA A 317 -4.14 -9.47 -4.00
CA ALA A 317 -4.41 -8.04 -4.08
C ALA A 317 -5.50 -7.66 -3.10
N ASP A 318 -5.43 -6.43 -2.60
CA ASP A 318 -6.43 -5.91 -1.69
C ASP A 318 -7.82 -5.91 -2.35
N SER A 319 -8.85 -6.37 -1.62
CA SER A 319 -10.22 -6.48 -2.13
C SER A 319 -10.90 -5.11 -2.33
N PHE A 320 -10.69 -4.21 -1.36
CA PHE A 320 -11.21 -2.83 -1.43
C PHE A 320 -10.63 -1.98 -2.56
N LEU A 321 -9.32 -2.12 -2.77
CA LEU A 321 -8.54 -1.29 -3.72
C LEU A 321 -8.46 -1.87 -5.12
N ASP A 322 -8.53 -3.20 -5.18
CA ASP A 322 -8.45 -3.94 -6.42
C ASP A 322 -9.35 -5.19 -6.36
N ASP A 323 -10.65 -4.98 -6.44
CA ASP A 323 -11.58 -6.11 -6.43
C ASP A 323 -11.35 -6.94 -7.68
N GLN A 324 -10.88 -8.16 -7.48
CA GLN A 324 -10.48 -9.08 -8.55
C GLN A 324 -11.66 -9.67 -9.28
N HIS A 325 -12.83 -9.56 -8.67
CA HIS A 325 -14.04 -10.16 -9.21
C HIS A 325 -15.12 -9.10 -9.29
N PRO A 326 -14.88 -7.99 -10.06
CA PRO A 326 -15.70 -6.78 -10.00
C PRO A 326 -17.14 -7.00 -10.42
N ASP A 327 -17.40 -8.07 -11.17
CA ASP A 327 -18.78 -8.38 -11.57
C ASP A 327 -19.35 -9.70 -11.01
N LEU A 328 -18.65 -10.31 -10.07
CA LEU A 328 -19.19 -11.51 -9.45
C LEU A 328 -20.40 -11.20 -8.58
N ARG A 329 -21.47 -11.96 -8.82
CA ARG A 329 -22.67 -11.99 -8.01
C ARG A 329 -22.80 -13.44 -7.54
N ALA A 330 -22.26 -13.75 -6.37
CA ALA A 330 -22.15 -15.14 -5.96
C ALA A 330 -23.38 -15.65 -5.17
N ASP A 331 -23.60 -16.96 -5.22
CA ASP A 331 -24.73 -17.59 -4.54
C ASP A 331 -24.47 -17.81 -3.05
N PHE A 332 -23.24 -18.19 -2.74
CA PHE A 332 -22.82 -18.30 -1.35
C PHE A 332 -21.59 -17.41 -1.09
N VAL A 333 -21.67 -16.57 -0.06
CA VAL A 333 -20.54 -15.72 0.36
C VAL A 333 -20.19 -16.05 1.80
N MET A 334 -18.95 -16.45 2.01
CA MET A 334 -18.54 -16.91 3.34
C MET A 334 -17.14 -16.38 3.63
N THR A 335 -16.94 -15.76 4.80
CA THR A 335 -15.60 -15.26 5.14
C THR A 335 -15.30 -15.10 6.65
N ASN A 336 -14.00 -15.17 6.97
CA ASN A 336 -13.41 -14.85 8.30
C ASN A 336 -12.29 -13.84 8.09
N PRO A 337 -12.64 -12.56 8.01
CA PRO A 337 -11.65 -11.60 7.59
C PRO A 337 -10.85 -11.13 8.81
N PRO A 338 -9.78 -10.36 8.58
CA PRO A 338 -9.14 -9.79 9.80
C PRO A 338 -10.11 -8.85 10.50
N PHE A 339 -10.35 -9.11 11.79
CA PHE A 339 -11.20 -8.30 12.68
C PHE A 339 -10.61 -6.94 12.92
N ASN A 340 -11.49 -6.00 13.26
CA ASN A 340 -11.09 -4.62 13.53
C ASN A 340 -9.86 -4.24 12.72
N MET A 341 -10.05 -4.08 11.40
CA MET A 341 -8.96 -3.73 10.50
C MET A 341 -8.87 -2.22 10.50
N LYS A 342 -7.70 -1.71 10.88
CA LYS A 342 -7.37 -0.28 10.69
C LYS A 342 -6.50 -0.19 9.43
N ASP A 343 -6.31 1.02 8.92
CA ASP A 343 -5.38 1.30 7.81
C ASP A 343 -5.92 0.88 6.43
N TRP A 344 -7.22 0.62 6.34
CA TRP A 344 -7.84 0.04 5.14
C TRP A 344 -8.45 1.08 4.20
N TRP A 345 -8.95 2.16 4.79
CA TRP A 345 -9.57 3.27 4.05
C TRP A 345 -8.56 4.09 3.20
N HIS A 346 -9.01 4.59 2.06
CA HIS A 346 -8.27 5.55 1.24
C HIS A 346 -9.31 6.49 0.60
N GLU A 347 -8.95 7.76 0.37
CA GLU A 347 -9.86 8.73 -0.27
C GLU A 347 -10.60 8.11 -1.44
N LYS A 348 -9.88 7.36 -2.26
CA LYS A 348 -10.50 6.83 -3.48
C LYS A 348 -11.62 5.82 -3.25
N LEU A 349 -12.05 5.62 -2.00
CA LEU A 349 -13.11 4.64 -1.71
C LEU A 349 -14.45 5.32 -1.45
N ALA A 350 -14.40 6.55 -0.94
CA ALA A 350 -15.58 7.39 -0.81
C ALA A 350 -16.43 7.26 -2.07
N ASP A 351 -17.72 7.05 -1.88
CA ASP A 351 -18.67 6.93 -3.01
C ASP A 351 -18.42 5.67 -3.87
N ASP A 352 -17.82 4.67 -3.24
CA ASP A 352 -17.86 3.30 -3.72
C ASP A 352 -19.30 2.78 -3.63
N PRO A 353 -19.79 2.12 -4.70
CA PRO A 353 -21.14 1.52 -4.67
C PRO A 353 -21.33 0.56 -3.46
N ARG A 354 -20.23 -0.05 -3.02
CA ARG A 354 -20.29 -1.01 -1.93
C ARG A 354 -20.90 -0.43 -0.64
N TRP A 355 -20.90 0.90 -0.50
CA TRP A 355 -21.47 1.53 0.70
C TRP A 355 -22.95 1.93 0.51
N THR A 356 -23.52 1.54 -0.61
CA THR A 356 -24.90 1.85 -0.94
C THR A 356 -25.69 0.56 -1.06
N ILE A 357 -26.53 0.33 -0.06
CA ILE A 357 -27.47 -0.78 0.03
C ILE A 357 -28.54 -0.62 -1.05
N ASN A 358 -28.77 -1.68 -1.82
CA ASN A 358 -29.82 -1.69 -2.83
C ASN A 358 -30.90 -2.75 -2.54
N THR A 359 -31.96 -2.31 -1.85
CA THR A 359 -33.09 -3.20 -1.51
C THR A 359 -34.43 -2.53 -1.81
N ASN A 360 -35.39 -3.34 -2.26
CA ASN A 360 -36.71 -2.87 -2.67
C ASN A 360 -37.41 -2.03 -1.60
N LYS A 363 -32.52 2.54 -2.82
CA LYS A 363 -31.10 2.81 -2.63
C LYS A 363 -30.83 3.54 -1.31
N ARG A 364 -29.98 2.94 -0.48
CA ARG A 364 -29.60 3.52 0.81
C ARG A 364 -28.07 3.68 0.84
N ILE A 365 -27.61 4.87 1.19
CA ILE A 365 -26.21 5.24 1.11
C ILE A 365 -25.62 5.37 2.51
N LEU A 366 -24.66 4.50 2.80
CA LEU A 366 -24.14 4.34 4.15
C LEU A 366 -22.78 5.00 4.22
N THR A 367 -22.54 5.69 5.33
CA THR A 367 -21.24 6.25 5.62
C THR A 367 -20.38 5.07 6.10
N PRO A 368 -19.27 4.78 5.38
CA PRO A 368 -18.56 3.55 5.73
C PRO A 368 -17.62 3.74 6.94
N PRO A 369 -17.45 2.68 7.74
CA PRO A 369 -16.66 2.67 8.97
C PRO A 369 -15.15 2.75 8.70
N THR A 370 -14.62 3.96 8.65
CA THR A 370 -13.22 4.14 8.20
C THR A 370 -12.18 3.66 9.20
N GLY A 371 -12.57 3.55 10.46
CA GLY A 371 -11.66 3.06 11.47
C GLY A 371 -11.79 1.61 11.87
N ASN A 372 -12.61 0.84 11.13
CA ASN A 372 -12.78 -0.61 11.30
C ASN A 372 -13.46 -1.26 10.06
N ALA A 373 -12.76 -2.18 9.41
CA ALA A 373 -13.21 -2.78 8.15
C ALA A 373 -14.35 -3.78 8.34
N ASN A 374 -14.65 -4.12 9.58
CA ASN A 374 -15.62 -5.16 9.84
C ASN A 374 -16.89 -5.03 9.02
N PHE A 375 -17.54 -3.87 9.07
CA PHE A 375 -18.75 -3.67 8.28
C PHE A 375 -18.46 -3.43 6.80
N ALA A 376 -17.24 -2.99 6.49
CA ALA A 376 -16.87 -2.76 5.11
C ALA A 376 -16.88 -4.09 4.37
N TRP A 377 -16.19 -5.08 4.93
CA TRP A 377 -16.25 -6.48 4.48
C TRP A 377 -17.66 -6.97 4.19
N MET A 378 -18.51 -6.99 5.22
CA MET A 378 -19.93 -7.34 5.07
C MET A 378 -20.47 -6.68 3.81
N LEU A 379 -20.37 -5.36 3.78
CA LEU A 379 -20.92 -4.57 2.68
C LEU A 379 -20.35 -4.99 1.36
N HIS A 380 -19.06 -5.31 1.32
CA HIS A 380 -18.42 -5.78 0.08
C HIS A 380 -19.02 -7.12 -0.33
N MET A 381 -19.13 -8.02 0.64
CA MET A 381 -19.80 -9.29 0.44
C MET A 381 -21.26 -9.09 -0.10
N LEU A 382 -22.04 -8.22 0.54
CA LEU A 382 -23.42 -7.91 0.13
C LEU A 382 -23.57 -7.45 -1.30
N TYR A 383 -22.75 -6.46 -1.66
CA TYR A 383 -22.67 -5.98 -3.02
C TYR A 383 -22.40 -7.14 -3.98
N HIS A 384 -21.59 -8.10 -3.56
CA HIS A 384 -21.28 -9.26 -4.42
C HIS A 384 -22.18 -10.44 -4.14
N LEU A 385 -23.40 -10.15 -3.70
CA LEU A 385 -24.35 -11.19 -3.32
C LEU A 385 -25.56 -11.22 -4.27
N ALA A 386 -25.73 -12.34 -4.98
CA ALA A 386 -26.90 -12.54 -5.85
C ALA A 386 -28.19 -12.16 -5.10
N PRO A 387 -29.28 -11.90 -5.84
CA PRO A 387 -30.54 -11.56 -5.18
C PRO A 387 -31.16 -12.78 -4.47
N THR A 388 -30.73 -13.98 -4.86
CA THR A 388 -31.15 -15.23 -4.20
C THR A 388 -30.10 -15.75 -3.18
N GLY A 389 -29.10 -14.93 -2.87
CA GLY A 389 -27.93 -15.41 -2.16
C GLY A 389 -28.05 -15.49 -0.66
N SER A 390 -27.12 -16.21 -0.04
CA SER A 390 -27.01 -16.24 1.42
C SER A 390 -25.55 -16.01 1.81
N MET A 391 -25.32 -15.14 2.78
CA MET A 391 -23.95 -14.93 3.25
C MET A 391 -23.83 -15.15 4.76
N ALA A 392 -22.64 -15.57 5.16
CA ALA A 392 -22.32 -15.70 6.56
C ALA A 392 -20.87 -15.23 6.85
N LEU A 393 -20.71 -14.44 7.90
CA LEU A 393 -19.35 -14.10 8.34
C LEU A 393 -19.13 -14.17 9.84
N LEU A 394 -17.90 -14.52 10.19
CA LEU A 394 -17.37 -14.49 11.56
C LEU A 394 -16.83 -13.11 11.86
N LEU A 395 -17.22 -12.56 13.02
CA LEU A 395 -16.72 -11.26 13.49
C LEU A 395 -16.60 -11.20 15.00
N ALA A 396 -16.11 -10.04 15.47
CA ALA A 396 -15.99 -9.73 16.90
C ALA A 396 -17.34 -9.37 17.47
N ASN A 397 -17.64 -9.81 18.70
CA ASN A 397 -18.88 -9.46 19.40
C ASN A 397 -19.24 -7.99 19.40
N GLY A 398 -18.22 -7.12 19.40
CA GLY A 398 -18.41 -5.66 19.30
C GLY A 398 -19.33 -5.34 18.15
N SER A 399 -19.12 -6.04 17.04
CA SER A 399 -20.02 -5.99 15.88
C SER A 399 -21.50 -5.90 16.28
N MET A 400 -21.89 -6.67 17.29
CA MET A 400 -23.31 -6.83 17.61
C MET A 400 -23.90 -5.66 18.40
N SER A 401 -23.05 -4.87 19.06
CA SER A 401 -23.57 -3.87 19.97
C SER A 401 -22.76 -2.57 20.06
N SER A 402 -21.66 -2.46 19.33
CA SER A 402 -20.91 -1.21 19.35
C SER A 402 -21.58 -0.13 18.55
N ASN A 403 -21.42 1.12 19.01
CA ASN A 403 -21.89 2.28 18.29
C ASN A 403 -20.71 3.05 17.66
N THR A 404 -19.49 2.57 17.90
CA THR A 404 -18.33 3.22 17.29
C THR A 404 -18.41 2.95 15.81
N ASN A 405 -17.64 3.72 15.04
CA ASN A 405 -17.43 3.49 13.61
C ASN A 405 -18.67 3.46 12.71
N ASN A 406 -19.70 4.20 13.09
CA ASN A 406 -20.96 4.20 12.35
C ASN A 406 -21.53 2.79 12.24
N GLU A 407 -21.46 2.01 13.32
CA GLU A 407 -21.93 0.63 13.30
C GLU A 407 -23.37 0.50 13.76
N GLY A 408 -23.83 1.46 14.57
CA GLY A 408 -25.23 1.51 15.03
C GLY A 408 -26.11 1.83 13.84
N GLU A 409 -25.82 2.96 13.20
CA GLU A 409 -26.50 3.31 11.97
C GLU A 409 -26.48 2.13 10.98
N ILE A 410 -25.29 1.59 10.65
CA ILE A 410 -25.17 0.43 9.70
C ILE A 410 -25.95 -0.79 10.16
N ARG A 411 -25.81 -1.14 11.44
CA ARG A 411 -26.59 -2.24 12.01
C ARG A 411 -28.08 -1.94 12.00
N LYS A 412 -28.46 -0.67 12.06
CA LYS A 412 -29.87 -0.32 11.93
C LYS A 412 -30.31 -0.59 10.48
N THR A 413 -29.65 0.04 9.52
CA THR A 413 -30.07 -0.10 8.13
C THR A 413 -30.14 -1.56 7.65
N LEU A 414 -29.06 -2.34 7.86
CA LEU A 414 -29.07 -3.76 7.48
C LEU A 414 -30.33 -4.47 7.95
N VAL A 415 -30.74 -4.22 9.20
CA VAL A 415 -31.91 -4.86 9.77
C VAL A 415 -33.19 -4.28 9.17
N GLU A 416 -33.37 -2.96 9.29
CA GLU A 416 -34.55 -2.30 8.75
C GLU A 416 -34.87 -2.88 7.38
N GLN A 417 -33.82 -3.20 6.62
CA GLN A 417 -34.00 -3.71 5.26
C GLN A 417 -34.06 -5.23 5.18
N ASP A 418 -34.15 -5.91 6.33
CA ASP A 418 -34.48 -7.33 6.32
C ASP A 418 -33.36 -8.24 5.75
N LEU A 419 -32.14 -7.70 5.67
CA LEU A 419 -31.00 -8.42 5.08
C LEU A 419 -30.42 -9.45 6.04
N VAL A 420 -30.43 -9.13 7.33
CA VAL A 420 -29.93 -10.02 8.37
C VAL A 420 -30.97 -11.09 8.50
N GLU A 421 -30.52 -12.36 8.48
CA GLU A 421 -31.37 -13.55 8.59
C GLU A 421 -31.20 -14.35 9.89
N CYS A 422 -29.99 -14.32 10.49
CA CYS A 422 -29.70 -15.09 11.70
C CYS A 422 -28.41 -14.59 12.36
N MET A 423 -28.43 -14.51 13.68
CA MET A 423 -27.27 -14.16 14.47
C MET A 423 -26.91 -15.26 15.47
N VAL A 424 -25.64 -15.63 15.50
CA VAL A 424 -25.14 -16.65 16.44
C VAL A 424 -24.10 -16.04 17.37
N ALA A 425 -24.18 -16.34 18.66
CA ALA A 425 -23.13 -15.96 19.58
C ALA A 425 -22.29 -17.21 19.83
N LEU A 426 -20.97 -17.06 19.81
CA LEU A 426 -20.11 -18.23 19.98
C LEU A 426 -19.41 -18.19 21.34
N PRO A 427 -19.20 -19.38 21.95
CA PRO A 427 -18.57 -19.35 23.26
C PRO A 427 -17.33 -18.47 23.23
N GLY A 428 -17.18 -17.60 24.22
CA GLY A 428 -16.03 -16.71 24.28
C GLY A 428 -14.79 -17.57 24.26
N GLN A 429 -14.87 -18.70 24.98
CA GLN A 429 -13.75 -19.64 25.12
C GLN A 429 -13.35 -20.39 23.83
N LEU A 430 -14.15 -20.23 22.77
CA LEU A 430 -14.11 -21.10 21.58
C LEU A 430 -12.78 -21.05 20.82
N PHE A 431 -12.36 -22.21 20.30
CA PHE A 431 -11.14 -22.31 19.54
C PHE A 431 -11.38 -21.68 18.17
N THR A 432 -10.91 -20.46 18.02
CA THR A 432 -11.39 -19.56 16.97
C THR A 432 -10.23 -18.93 16.17
N ASN A 433 -9.01 -19.16 16.63
CA ASN A 433 -7.77 -18.53 16.13
C ASN A 433 -7.77 -17.00 16.21
N THR A 434 -8.81 -16.46 16.83
CA THR A 434 -8.95 -15.01 17.02
C THR A 434 -8.63 -14.65 18.47
N GLN A 435 -7.88 -13.58 18.68
CA GLN A 435 -7.58 -13.20 20.04
C GLN A 435 -8.81 -12.51 20.65
N ILE A 436 -9.66 -11.97 19.78
CA ILE A 436 -10.93 -11.34 20.15
C ILE A 436 -12.10 -12.30 19.85
N PRO A 437 -12.96 -12.60 20.87
CA PRO A 437 -14.07 -13.55 20.78
C PRO A 437 -15.09 -13.20 19.70
N ALA A 438 -15.83 -14.20 19.24
CA ALA A 438 -16.50 -14.07 17.95
C ALA A 438 -17.96 -14.51 17.87
N CYS A 439 -18.57 -14.09 16.76
CA CYS A 439 -19.96 -14.33 16.48
C CYS A 439 -20.13 -14.35 14.97
N ILE A 440 -21.23 -14.94 14.54
CA ILE A 440 -21.52 -15.10 13.13
C ILE A 440 -22.72 -14.24 12.76
N TRP A 441 -22.58 -13.49 11.68
CA TRP A 441 -23.73 -12.84 11.05
C TRP A 441 -24.19 -13.61 9.83
N PHE A 442 -25.49 -13.85 9.71
CA PHE A 442 -26.04 -14.50 8.52
C PHE A 442 -27.03 -13.58 7.79
N LEU A 443 -26.83 -13.36 6.51
CA LEU A 443 -27.70 -12.46 5.74
C LEU A 443 -28.27 -13.12 4.46
N THR A 444 -29.48 -12.73 4.06
CA THR A 444 -30.01 -13.07 2.72
C THR A 444 -30.47 -11.85 1.96
N LYS A 445 -30.58 -12.05 0.64
CA LYS A 445 -31.28 -11.07 -0.19
C LYS A 445 -32.70 -11.53 -0.49
N ASP A 446 -32.97 -12.79 -0.19
CA ASP A 446 -34.16 -13.49 -0.62
C ASP A 446 -34.80 -14.30 0.52
N LYS A 447 -35.55 -13.61 1.38
CA LYS A 447 -36.27 -14.25 2.49
C LYS A 447 -37.61 -14.89 2.09
N ASN A 448 -37.88 -14.95 0.78
CA ASN A 448 -39.15 -15.43 0.23
C ASN A 448 -39.43 -16.91 0.41
N ALA A 449 -40.70 -17.28 0.27
CA ALA A 449 -41.12 -18.67 0.37
C ALA A 449 -40.75 -19.39 -0.90
N LYS A 450 -39.74 -20.25 -0.82
CA LYS A 450 -39.23 -20.99 -1.98
C LYS A 450 -38.51 -22.26 -1.56
N ASN A 451 -38.38 -23.19 -2.51
CA ASN A 451 -37.48 -24.32 -2.40
C ASN A 451 -37.34 -24.83 -0.97
N GLY A 452 -38.47 -25.21 -0.40
CA GLY A 452 -38.55 -25.80 0.95
C GLY A 452 -38.87 -24.78 2.03
N LYS A 453 -38.44 -23.54 1.81
CA LYS A 453 -38.42 -22.49 2.83
C LYS A 453 -39.62 -21.55 2.72
N ARG A 454 -39.96 -20.92 3.85
CA ARG A 454 -41.16 -20.09 3.96
C ARG A 454 -40.86 -18.60 3.93
N ASP A 455 -41.90 -17.79 3.68
CA ASP A 455 -41.77 -16.34 3.63
C ASP A 455 -41.53 -15.80 5.04
N ARG A 456 -40.27 -15.54 5.35
CA ARG A 456 -39.90 -15.09 6.69
C ARG A 456 -39.41 -13.65 6.71
N ARG A 457 -39.99 -12.82 5.84
CA ARG A 457 -39.71 -11.38 5.84
C ARG A 457 -39.96 -10.77 7.20
N GLY A 458 -39.13 -9.78 7.54
CA GLY A 458 -39.14 -9.11 8.83
C GLY A 458 -38.57 -9.92 9.97
N GLN A 459 -38.26 -11.20 9.73
CA GLN A 459 -37.88 -12.09 10.81
C GLN A 459 -36.37 -12.30 10.97
N VAL A 460 -35.92 -12.56 12.20
CA VAL A 460 -34.51 -12.80 12.49
C VAL A 460 -34.38 -13.93 13.51
N LEU A 461 -33.63 -14.98 13.16
CA LEU A 461 -33.36 -16.04 14.13
C LEU A 461 -32.10 -15.83 14.96
N PHE A 462 -32.29 -15.56 16.24
CA PHE A 462 -31.22 -15.46 17.20
C PHE A 462 -31.02 -16.80 17.90
N ILE A 463 -29.76 -17.18 17.99
CA ILE A 463 -29.30 -18.34 18.76
C ILE A 463 -28.16 -17.92 19.68
N ASP A 464 -28.13 -18.49 20.88
CA ASP A 464 -26.94 -18.41 21.72
C ASP A 464 -26.27 -19.79 21.90
N ALA A 465 -25.11 -19.93 21.27
CA ALA A 465 -24.32 -21.15 21.38
C ALA A 465 -23.25 -21.08 22.47
N ARG A 466 -23.36 -20.11 23.39
CA ARG A 466 -22.34 -19.91 24.43
C ARG A 466 -21.95 -21.14 25.27
N LYS A 467 -22.89 -22.07 25.48
CA LYS A 467 -22.67 -23.22 26.38
C LYS A 467 -22.29 -24.50 25.66
N LEU A 468 -22.54 -24.56 24.35
CA LEU A 468 -22.28 -25.76 23.54
C LEU A 468 -20.79 -26.05 23.38
N GLY A 469 -20.45 -27.28 22.99
CA GLY A 469 -19.04 -27.66 22.78
C GLY A 469 -18.34 -28.31 23.96
N TYR A 470 -17.09 -28.74 23.72
CA TYR A 470 -16.30 -29.48 24.70
C TYR A 470 -14.96 -28.83 24.94
N MET A 471 -14.40 -29.06 26.12
CA MET A 471 -13.14 -28.45 26.52
C MET A 471 -11.94 -29.00 25.78
N LYS A 472 -11.54 -28.29 24.71
CA LYS A 472 -10.37 -28.65 23.88
C LYS A 472 -9.11 -28.82 24.71
N ASP A 473 -8.71 -27.76 25.41
CA ASP A 473 -7.65 -27.83 26.41
C ASP A 473 -8.24 -27.38 27.74
N ARG A 474 -7.43 -26.81 28.63
CA ARG A 474 -7.90 -26.28 29.90
C ARG A 474 -8.89 -25.14 29.75
N VAL A 475 -8.70 -24.34 28.69
CA VAL A 475 -9.53 -23.16 28.51
C VAL A 475 -10.33 -23.16 27.21
N LEU A 476 -9.73 -23.65 26.13
CA LEU A 476 -10.38 -23.65 24.83
C LEU A 476 -11.64 -24.51 24.81
N ARG A 477 -12.50 -24.22 23.84
CA ARG A 477 -13.65 -25.03 23.53
C ARG A 477 -13.63 -25.31 22.04
N ASP A 478 -14.19 -26.44 21.65
CA ASP A 478 -14.33 -26.78 20.24
C ASP A 478 -15.69 -27.43 20.09
N PHE A 479 -16.17 -27.53 18.85
CA PHE A 479 -17.41 -28.23 18.53
C PHE A 479 -17.11 -29.59 17.90
N LYS A 480 -17.86 -30.63 18.29
CA LYS A 480 -17.94 -31.86 17.47
C LYS A 480 -19.20 -31.74 16.58
N ASP A 481 -19.28 -32.53 15.50
CA ASP A 481 -20.35 -32.30 14.51
C ASP A 481 -21.78 -32.38 15.07
N GLU A 482 -21.89 -32.89 16.29
CA GLU A 482 -23.15 -32.88 17.03
C GLU A 482 -23.57 -31.48 17.42
N ASP A 483 -22.62 -30.68 17.93
CA ASP A 483 -22.89 -29.27 18.26
C ASP A 483 -23.26 -28.55 16.97
N ILE A 484 -22.31 -28.57 16.04
CA ILE A 484 -22.52 -28.12 14.69
C ILE A 484 -23.94 -28.52 14.21
N GLN A 485 -24.22 -29.82 14.21
CA GLN A 485 -25.50 -30.36 13.74
C GLN A 485 -26.71 -29.67 14.37
N LYS A 486 -26.74 -29.63 15.69
CA LYS A 486 -27.80 -28.93 16.38
C LYS A 486 -28.02 -27.61 15.64
N LEU A 487 -26.97 -26.80 15.55
CA LEU A 487 -27.07 -25.42 15.07
C LEU A 487 -27.44 -25.36 13.60
N ALA A 488 -26.79 -26.21 12.80
CA ALA A 488 -27.24 -26.43 11.44
C ALA A 488 -28.74 -26.69 11.44
N ASP A 489 -29.18 -27.72 12.17
CA ASP A 489 -30.57 -28.18 12.11
C ASP A 489 -31.56 -27.20 12.73
N THR A 490 -31.21 -26.61 13.87
CA THR A 490 -32.04 -25.58 14.43
C THR A 490 -32.43 -24.64 13.30
N PHE A 491 -31.44 -23.86 12.83
CA PHE A 491 -31.62 -22.69 11.97
C PHE A 491 -32.34 -22.93 10.65
N HIS A 492 -32.17 -24.13 10.11
CA HIS A 492 -32.80 -24.47 8.86
C HIS A 492 -34.30 -24.57 9.06
N ASN A 493 -34.68 -25.19 10.18
CA ASN A 493 -36.08 -25.35 10.56
C ASN A 493 -36.77 -24.01 10.68
N TRP A 494 -36.10 -23.02 11.29
CA TRP A 494 -36.67 -21.68 11.42
C TRP A 494 -37.01 -21.14 10.03
N GLN A 495 -36.24 -21.59 9.04
CA GLN A 495 -36.52 -21.24 7.66
C GLN A 495 -37.76 -22.00 7.17
N GLN A 496 -38.05 -23.14 7.80
CA GLN A 496 -39.02 -24.10 7.27
C GLN A 496 -40.37 -24.15 8.02
N GLU A 497 -40.38 -23.70 9.27
CA GLU A 497 -41.56 -23.65 10.14
C GLU A 497 -41.20 -23.15 11.55
N TRP A 498 -41.77 -22.02 11.98
CA TRP A 498 -41.48 -21.48 13.33
C TRP A 498 -42.59 -20.63 13.98
N SER A 499 -42.86 -20.95 15.24
CA SER A 499 -43.83 -20.24 16.08
C SER A 499 -43.28 -20.18 17.51
N GLU A 500 -43.86 -19.32 18.36
CA GLU A 500 -43.34 -19.09 19.72
C GLU A 500 -43.06 -20.37 20.53
N GLU A 501 -43.67 -21.49 20.11
CA GLU A 501 -43.45 -22.78 20.76
C GLU A 501 -42.01 -23.29 20.57
N ASN A 502 -41.46 -23.06 19.38
CA ASN A 502 -40.15 -23.57 19.01
C ASN A 502 -38.98 -22.81 19.67
N ASN A 503 -39.27 -21.60 20.17
CA ASN A 503 -38.30 -20.88 21.02
C ASN A 503 -37.79 -21.85 22.06
N GLN A 504 -36.58 -21.60 22.56
CA GLN A 504 -35.92 -22.52 23.45
C GLN A 504 -35.12 -21.67 24.42
N ALA A 505 -35.70 -21.42 25.59
CA ALA A 505 -35.13 -20.48 26.54
C ALA A 505 -33.63 -20.72 26.77
N GLY A 506 -32.85 -19.64 26.77
CA GLY A 506 -31.39 -19.71 26.92
C GLY A 506 -30.60 -20.03 25.64
N PHE A 507 -31.31 -20.46 24.59
CA PHE A 507 -30.71 -21.02 23.35
C PHE A 507 -31.13 -20.37 22.03
N CYS A 508 -32.44 -20.26 21.78
CA CYS A 508 -32.93 -19.60 20.56
C CYS A 508 -34.22 -18.79 20.72
N PHE A 509 -34.42 -17.81 19.83
CA PHE A 509 -35.60 -16.94 19.83
C PHE A 509 -35.80 -16.28 18.47
N SER A 510 -37.06 -16.06 18.08
CA SER A 510 -37.42 -15.45 16.78
C SER A 510 -37.98 -14.02 16.89
N ALA A 511 -37.23 -13.03 16.39
CA ALA A 511 -37.66 -11.64 16.47
C ALA A 511 -38.11 -11.09 15.12
N ASP A 512 -38.93 -10.03 15.14
CA ASP A 512 -39.25 -9.29 13.91
C ASP A 512 -38.76 -7.83 13.95
N LEU A 513 -38.94 -7.07 12.87
CA LEU A 513 -38.42 -5.68 12.88
C LEU A 513 -38.76 -4.92 14.18
N ALA A 514 -39.92 -5.23 14.78
CA ALA A 514 -40.46 -4.45 15.92
C ALA A 514 -39.64 -4.56 17.22
N LEU A 515 -39.39 -5.79 17.67
CA LEU A 515 -38.72 -6.01 18.95
C LEU A 515 -37.26 -5.56 18.93
N ILE A 516 -36.63 -5.66 17.76
CA ILE A 516 -35.24 -5.25 17.62
C ILE A 516 -35.14 -3.72 17.65
N ARG A 517 -36.19 -3.04 17.20
CA ARG A 517 -36.24 -1.56 17.30
C ARG A 517 -36.39 -1.11 18.75
N LYS A 518 -36.86 -2.00 19.61
CA LYS A 518 -36.97 -1.76 21.06
C LYS A 518 -35.64 -2.07 21.73
N ASN A 519 -34.97 -3.09 21.19
CA ASN A 519 -33.64 -3.46 21.65
C ASN A 519 -32.58 -2.61 20.95
N ASP A 520 -33.05 -1.54 20.30
CA ASP A 520 -32.24 -0.52 19.65
C ASP A 520 -31.18 -1.09 18.72
N PHE A 521 -31.62 -2.03 17.88
CA PHE A 521 -30.83 -2.65 16.84
C PHE A 521 -29.54 -3.28 17.33
N VAL A 522 -29.49 -3.54 18.63
CA VAL A 522 -28.46 -4.38 19.22
C VAL A 522 -28.88 -5.81 18.90
N LEU A 523 -27.97 -6.53 18.26
CA LEU A 523 -28.26 -7.86 17.73
C LEU A 523 -27.65 -8.99 18.56
N THR A 524 -27.29 -8.68 19.81
CA THR A 524 -26.72 -9.70 20.70
C THR A 524 -27.83 -10.65 21.17
N PRO A 525 -27.69 -11.97 20.89
CA PRO A 525 -28.71 -12.96 21.26
C PRO A 525 -29.04 -12.96 22.75
N GLY A 526 -28.08 -12.59 23.59
CA GLY A 526 -28.27 -12.50 25.05
C GLY A 526 -29.46 -11.64 25.44
N ARG A 527 -29.63 -10.52 24.75
CA ARG A 527 -30.81 -9.71 24.86
C ARG A 527 -32.05 -10.60 24.82
N TYR A 528 -32.13 -11.41 23.77
CA TYR A 528 -33.38 -12.04 23.33
C TYR A 528 -33.65 -13.42 23.90
N VAL A 529 -33.32 -13.67 25.17
CA VAL A 529 -33.64 -15.00 25.74
C VAL A 529 -32.74 -15.37 26.93
N GLY A 530 -33.15 -16.30 27.78
CA GLY A 530 -32.32 -16.68 28.93
C GLY A 530 -33.03 -17.55 29.96
N GLN B 7 32.97 34.26 -3.46
CA GLN B 7 33.11 35.61 -2.82
C GLN B 7 33.00 35.54 -1.29
N GLN B 8 32.60 34.37 -0.79
CA GLN B 8 32.44 34.12 0.65
C GLN B 8 32.71 32.65 1.03
N PHE B 9 32.73 32.39 2.33
CA PHE B 9 33.17 31.12 2.90
C PHE B 9 32.12 30.00 3.00
N LEU B 10 31.00 30.17 2.28
CA LEU B 10 29.94 29.16 2.31
C LEU B 10 30.44 27.83 1.73
N ASN B 11 31.60 27.87 1.08
CA ASN B 11 32.30 26.66 0.72
C ASN B 11 33.07 26.11 1.93
N ASP B 12 33.69 27.01 2.68
CA ASP B 12 34.54 26.63 3.81
C ASP B 12 33.76 25.91 4.91
N LEU B 13 32.82 26.61 5.53
CA LEU B 13 31.97 26.02 6.56
C LEU B 13 31.42 24.66 6.17
N ASP B 14 30.75 24.60 5.02
CA ASP B 14 30.16 23.37 4.51
C ASP B 14 31.17 22.23 4.54
N ASN B 15 32.22 22.37 3.74
CA ASN B 15 33.34 21.43 3.69
C ASN B 15 33.72 20.91 5.08
N GLN B 16 34.08 21.82 5.98
CA GLN B 16 34.47 21.43 7.33
C GLN B 16 33.40 20.59 8.00
N LEU B 17 32.16 21.09 8.04
CA LEU B 17 31.07 20.39 8.75
C LEU B 17 30.78 19.00 8.16
N TRP B 18 30.93 18.85 6.84
CA TRP B 18 30.78 17.54 6.25
C TRP B 18 31.88 16.57 6.69
N ARG B 19 33.13 16.98 6.53
CA ARG B 19 34.25 16.12 6.93
C ARG B 19 34.25 15.78 8.43
N ALA B 20 33.96 16.78 9.26
CA ALA B 20 33.81 16.57 10.69
C ALA B 20 32.74 15.50 10.97
N ALA B 21 31.52 15.77 10.53
CA ALA B 21 30.42 14.79 10.64
C ALA B 21 30.72 13.45 9.96
N ASP B 22 31.59 13.45 8.97
CA ASP B 22 31.99 12.21 8.31
C ASP B 22 32.91 11.35 9.17
N LYS B 23 33.75 12.00 10.00
CA LYS B 23 34.67 11.28 10.91
C LYS B 23 33.96 10.48 11.99
N LEU B 24 32.76 10.94 12.35
CA LEU B 24 32.02 10.37 13.46
C LEU B 24 30.97 9.33 13.05
N ARG B 25 30.77 9.11 11.75
CA ARG B 25 29.64 8.30 11.24
C ARG B 25 29.52 6.88 11.84
N SER B 26 30.66 6.23 12.06
CA SER B 26 30.76 4.89 12.70
C SER B 26 30.08 3.70 11.97
N ASN B 27 29.52 2.77 12.75
CA ASN B 27 28.83 1.56 12.24
C ASN B 27 27.48 1.89 11.59
N LEU B 28 27.41 2.96 10.80
CA LEU B 28 26.12 3.44 10.28
C LEU B 28 26.18 3.99 8.85
N ASP B 29 25.05 3.88 8.14
CA ASP B 29 24.91 4.28 6.73
C ASP B 29 24.40 5.71 6.58
N ALA B 30 24.60 6.28 5.39
CA ALA B 30 24.22 7.67 5.06
C ALA B 30 22.70 7.94 4.99
N ALA B 31 21.89 6.89 4.91
CA ALA B 31 20.43 7.05 4.86
C ALA B 31 19.92 7.38 6.25
N ASN B 32 20.40 6.59 7.21
CA ASN B 32 20.17 6.80 8.61
C ASN B 32 20.83 8.10 9.07
N TYR B 33 22.17 8.09 9.06
CA TYR B 33 23.02 9.15 9.59
C TYR B 33 22.57 10.57 9.21
N LYS B 34 21.76 10.69 8.15
CA LYS B 34 21.29 12.00 7.77
C LYS B 34 20.35 12.59 8.82
N HIS B 35 19.61 11.74 9.51
CA HIS B 35 18.60 12.24 10.44
C HIS B 35 19.16 12.81 11.76
N VAL B 36 20.28 12.27 12.23
CA VAL B 36 20.91 12.83 13.44
C VAL B 36 21.45 14.22 13.13
N VAL B 37 22.30 14.29 12.11
CA VAL B 37 22.88 15.54 11.66
C VAL B 37 21.80 16.59 11.37
N LEU B 38 20.84 16.24 10.50
CA LEU B 38 19.73 17.13 10.12
C LEU B 38 18.83 17.46 11.32
N GLY B 39 18.81 16.57 12.30
CA GLY B 39 18.05 16.79 13.54
C GLY B 39 18.71 17.82 14.45
N LEU B 40 20.00 17.62 14.74
CA LEU B 40 20.76 18.58 15.56
C LEU B 40 20.89 19.98 14.95
N ILE B 41 20.87 20.07 13.63
CA ILE B 41 20.96 21.35 12.97
C ILE B 41 19.63 22.07 13.10
N PHE B 42 18.55 21.32 12.95
CA PHE B 42 17.19 21.85 13.13
C PHE B 42 17.05 22.38 14.54
N LEU B 43 17.47 21.57 15.52
CA LEU B 43 17.39 21.92 16.93
C LEU B 43 18.26 23.11 17.22
N LYS B 44 19.49 23.08 16.69
CA LYS B 44 20.39 24.24 16.75
C LYS B 44 19.68 25.46 16.22
N TYR B 45 19.14 25.37 14.99
CA TYR B 45 18.45 26.49 14.34
C TYR B 45 17.37 27.10 15.23
N VAL B 46 16.57 26.22 15.80
CA VAL B 46 15.39 26.63 16.53
C VAL B 46 15.76 27.24 17.88
N SER B 47 16.87 26.75 18.45
CA SER B 47 17.41 27.26 19.70
C SER B 47 18.19 28.54 19.49
N ASP B 48 18.82 28.66 18.32
CA ASP B 48 19.38 29.94 17.84
C ASP B 48 18.29 31.00 17.66
N ALA B 49 17.09 30.59 17.26
CA ALA B 49 16.03 31.56 16.95
C ALA B 49 15.26 32.01 18.19
N PHE B 50 15.16 31.14 19.19
CA PHE B 50 14.47 31.46 20.45
C PHE B 50 15.34 32.39 21.31
N GLU B 51 16.66 32.20 21.20
CA GLU B 51 17.71 33.09 21.73
C GLU B 51 17.62 34.48 21.08
N GLU B 52 17.80 34.56 19.75
CA GLU B 52 17.77 35.86 19.07
C GLU B 52 16.59 36.66 19.58
N ARG B 53 15.39 36.07 19.48
CA ARG B 53 14.14 36.76 19.83
C ARG B 53 14.14 37.21 21.29
N GLN B 54 14.61 36.36 22.19
CA GLN B 54 14.71 36.73 23.60
C GLN B 54 15.59 37.95 23.83
N GLN B 55 16.70 38.02 23.09
CA GLN B 55 17.68 39.06 23.36
C GLN B 55 17.10 40.39 23.00
N GLU B 56 16.29 40.43 21.94
CA GLU B 56 15.77 41.71 21.51
C GLU B 56 14.61 42.14 22.39
N LEU B 57 13.76 41.18 22.77
CA LEU B 57 12.71 41.40 23.77
C LEU B 57 13.27 42.10 25.01
N THR B 58 14.35 41.56 25.58
CA THR B 58 15.03 42.20 26.70
C THR B 58 15.48 43.63 26.33
N GLU B 59 16.10 43.81 25.17
CA GLU B 59 16.46 45.15 24.72
C GLU B 59 15.21 46.00 24.51
N LEU B 60 14.15 45.40 23.94
CA LEU B 60 12.88 46.11 23.71
C LEU B 60 12.13 46.54 24.98
N PHE B 61 12.08 45.69 26.00
CA PHE B 61 11.39 46.01 27.24
C PHE B 61 11.98 47.20 27.97
N GLN B 62 13.22 47.53 27.64
CA GLN B 62 14.01 48.49 28.42
C GLN B 62 14.26 49.77 27.65
N LYS B 63 13.94 49.76 26.36
CA LYS B 63 14.11 50.91 25.51
C LYS B 63 12.98 51.91 25.79
N ASP B 64 13.32 52.94 26.57
CA ASP B 64 12.38 53.95 27.05
C ASP B 64 11.95 54.91 25.94
N ASP B 65 11.17 54.40 25.00
CA ASP B 65 10.75 55.16 23.83
C ASP B 65 9.24 55.26 23.89
N ASP B 66 8.72 56.48 24.09
CA ASP B 66 7.28 56.75 24.18
C ASP B 66 6.45 56.18 23.02
N ASP B 67 7.10 55.50 22.08
CA ASP B 67 6.43 54.83 20.96
C ASP B 67 6.88 53.36 20.83
N ASN B 68 7.74 52.91 21.75
CA ASN B 68 8.05 51.48 21.91
C ASN B 68 6.96 50.79 22.73
N ILE B 69 6.03 50.18 22.00
CA ILE B 69 4.88 49.44 22.54
C ILE B 69 5.27 48.41 23.59
N TYR B 70 6.56 48.06 23.64
CA TYR B 70 7.03 46.95 24.45
C TYR B 70 7.66 47.42 25.77
N TYR B 71 7.67 48.74 25.98
CA TYR B 71 8.36 49.30 27.11
C TYR B 71 7.73 48.95 28.46
N LEU B 72 8.56 48.41 29.34
CA LEU B 72 8.29 48.32 30.77
C LEU B 72 9.01 49.49 31.45
N PRO B 73 8.25 50.46 31.97
CA PRO B 73 8.88 51.62 32.60
C PRO B 73 9.49 51.30 33.97
N ARG B 74 10.81 51.42 34.10
CA ARG B 74 11.49 51.05 35.35
C ARG B 74 10.94 51.84 36.56
N GLU B 75 10.81 53.15 36.41
CA GLU B 75 10.21 54.02 37.43
C GLU B 75 8.95 53.43 38.12
N ASP B 76 8.30 52.47 37.49
CA ASP B 76 7.05 51.91 38.01
C ASP B 76 7.23 50.64 38.87
N TYR B 77 8.48 50.21 39.02
CA TYR B 77 8.82 49.05 39.86
C TYR B 77 9.73 49.44 41.00
N ASP B 78 9.20 49.28 42.21
CA ASP B 78 9.92 49.45 43.49
C ASP B 78 11.44 49.23 43.47
N SER B 79 11.89 48.15 42.83
CA SER B 79 13.28 47.68 42.95
C SER B 79 13.78 46.99 41.69
N ASP B 80 15.10 46.83 41.61
CA ASP B 80 15.71 46.03 40.55
C ASP B 80 15.15 44.61 40.51
N GLU B 81 15.14 43.92 41.66
CA GLU B 81 14.57 42.57 41.73
C GLU B 81 13.19 42.56 41.07
N ALA B 82 12.27 43.40 41.56
CA ALA B 82 10.89 43.46 41.07
C ALA B 82 10.81 43.68 39.56
N TYR B 83 11.62 44.63 39.06
CA TYR B 83 11.75 44.93 37.64
C TYR B 83 12.29 43.74 36.84
N GLN B 84 13.25 43.01 37.40
CA GLN B 84 13.76 41.79 36.74
C GLN B 84 12.93 40.51 37.04
N GLN B 85 11.92 40.62 37.91
CA GLN B 85 10.82 39.64 37.94
C GLN B 85 9.76 40.07 36.91
N ALA B 86 9.78 41.36 36.59
CA ALA B 86 8.89 41.90 35.56
C ALA B 86 9.38 41.56 34.15
N ILE B 87 10.68 41.68 33.90
CA ILE B 87 11.23 41.37 32.57
C ILE B 87 11.17 39.86 32.32
N ALA B 88 11.35 39.08 33.38
CA ALA B 88 11.24 37.64 33.28
C ALA B 88 9.83 37.24 32.86
N GLU B 89 8.83 37.86 33.47
CA GLU B 89 7.42 37.52 33.24
C GLU B 89 6.87 37.90 31.84
N GLU B 90 7.44 38.93 31.21
CA GLU B 90 7.11 39.25 29.81
C GLU B 90 7.75 38.26 28.85
N LEU B 91 9.04 37.94 29.08
CA LEU B 91 9.77 36.94 28.26
C LEU B 91 9.02 35.65 28.04
N GLU B 92 8.04 35.38 28.88
CA GLU B 92 7.32 34.13 28.83
C GLU B 92 6.07 34.21 27.98
N ILE B 93 5.80 35.38 27.41
CA ILE B 93 4.56 35.56 26.64
C ILE B 93 4.71 35.06 25.20
N GLY B 94 4.07 33.94 24.91
CA GLY B 94 4.12 33.32 23.59
C GLY B 94 3.82 34.26 22.43
N ASP B 95 2.94 35.22 22.68
CA ASP B 95 2.52 36.13 21.62
C ASP B 95 3.74 36.75 20.97
N TYR B 96 4.72 37.13 21.80
CA TYR B 96 5.93 37.81 21.36
C TYR B 96 6.77 37.04 20.33
N TYR B 97 6.67 35.73 20.36
CA TYR B 97 7.34 34.87 19.40
C TYR B 97 6.42 34.74 18.17
N THR B 98 5.27 34.11 18.35
CA THR B 98 4.25 33.99 17.28
C THR B 98 4.30 35.12 16.24
N GLU B 99 4.25 36.37 16.67
CA GLU B 99 4.21 37.53 15.77
C GLU B 99 5.47 37.70 14.88
N LYS B 100 6.46 36.85 15.12
CA LYS B 100 7.74 36.90 14.41
C LYS B 100 8.07 35.50 13.90
N ASN B 101 7.04 34.67 13.77
CA ASN B 101 7.17 33.28 13.32
C ASN B 101 8.11 32.39 14.15
N VAL B 102 8.66 32.95 15.22
CA VAL B 102 9.65 32.23 16.03
C VAL B 102 8.94 31.22 16.89
N PHE B 103 9.46 29.98 16.96
CA PHE B 103 8.83 28.92 17.74
C PHE B 103 9.30 28.88 19.20
N TRP B 104 8.38 28.58 20.13
CA TRP B 104 8.75 28.51 21.54
C TRP B 104 9.65 27.29 21.78
N VAL B 105 10.69 27.46 22.59
CA VAL B 105 11.64 26.39 22.89
C VAL B 105 11.87 26.24 24.39
N PRO B 106 11.31 25.18 24.99
CA PRO B 106 11.47 24.96 26.43
C PRO B 106 12.92 24.93 26.98
N LYS B 107 13.04 25.11 28.29
CA LYS B 107 14.31 25.11 29.03
C LYS B 107 15.13 23.84 28.82
N THR B 108 14.45 22.73 28.52
CA THR B 108 15.11 21.47 28.20
C THR B 108 15.14 21.19 26.69
N ALA B 109 15.36 22.25 25.92
CA ALA B 109 15.50 22.13 24.47
C ALA B 109 16.40 23.25 23.92
N ARG B 110 17.00 24.02 24.84
CA ARG B 110 17.89 25.11 24.44
C ARG B 110 19.29 24.58 24.24
N TRP B 111 19.86 24.88 23.07
CA TRP B 111 21.14 24.31 22.64
C TRP B 111 22.22 24.28 23.70
N ASN B 112 22.52 25.44 24.28
CA ASN B 112 23.63 25.57 25.23
C ASN B 112 23.44 24.72 26.49
N LYS B 113 22.19 24.64 26.96
CA LYS B 113 21.84 23.86 28.14
C LYS B 113 22.17 22.36 27.97
N LEU B 114 21.73 21.79 26.84
CA LEU B 114 22.03 20.42 26.46
C LEU B 114 23.53 20.27 26.23
N ARG B 115 24.14 21.37 25.80
CA ARG B 115 25.59 21.49 25.64
C ARG B 115 26.28 21.50 27.01
N ASP B 116 25.63 22.10 28.01
CA ASP B 116 26.17 22.11 29.38
C ASP B 116 26.07 20.74 30.03
N VAL B 117 24.86 20.19 30.06
CA VAL B 117 24.56 18.89 30.70
C VAL B 117 25.78 17.96 30.87
N ILE B 118 26.47 17.65 29.76
CA ILE B 118 27.64 16.77 29.82
C ILE B 118 28.84 17.45 30.49
N SER B 139 19.39 8.74 28.52
CA SER B 139 20.68 8.70 27.85
C SER B 139 20.82 9.80 26.79
N VAL B 140 22.02 9.94 26.21
CA VAL B 140 22.34 11.03 25.27
C VAL B 140 21.38 11.06 24.07
N SER B 141 21.22 9.90 23.43
CA SER B 141 20.19 9.72 22.39
C SER B 141 18.80 10.14 22.90
N TRP B 142 18.43 9.67 24.10
CA TRP B 142 17.11 9.96 24.68
C TRP B 142 16.92 11.44 25.01
N LEU B 143 18.00 12.14 25.34
CA LEU B 143 17.90 13.54 25.79
C LEU B 143 17.51 14.51 24.65
N ILE B 144 18.21 14.37 23.51
CA ILE B 144 17.93 15.15 22.30
C ILE B 144 16.48 14.93 21.90
N ASP B 145 16.05 13.67 22.01
CA ASP B 145 14.69 13.27 21.68
C ASP B 145 13.66 13.86 22.64
N ASN B 146 14.08 14.08 23.88
CA ASN B 146 13.23 14.74 24.87
C ASN B 146 12.98 16.22 24.54
N ALA B 147 14.03 16.89 24.09
CA ALA B 147 13.92 18.23 23.53
C ALA B 147 12.96 18.25 22.35
N PHE B 148 13.07 17.25 21.47
CA PHE B 148 12.16 17.13 20.33
C PHE B 148 10.73 16.98 20.83
N ASP B 149 10.53 16.02 21.75
CA ASP B 149 9.25 15.84 22.42
C ASP B 149 8.73 17.20 22.90
N ASP B 150 9.45 17.82 23.84
CA ASP B 150 9.05 19.09 24.43
C ASP B 150 8.83 20.24 23.43
N ILE B 151 9.61 20.27 22.36
CA ILE B 151 9.39 21.27 21.29
C ILE B 151 8.07 21.02 20.57
N GLU B 152 7.76 19.74 20.36
CA GLU B 152 6.50 19.34 19.72
C GLU B 152 5.31 19.61 20.64
N LYS B 153 5.44 19.19 21.91
CA LYS B 153 4.42 19.44 22.93
C LYS B 153 4.08 20.93 23.09
N ALA B 154 5.09 21.79 22.96
CA ALA B 154 4.91 23.24 23.08
C ALA B 154 4.39 23.92 21.82
N ASN B 155 4.59 23.30 20.66
CA ASN B 155 4.27 23.94 19.38
C ASN B 155 3.35 23.13 18.45
N PRO B 156 2.10 23.59 18.30
CA PRO B 156 1.06 22.91 17.51
C PRO B 156 1.53 22.50 16.11
N LYS B 157 2.03 23.47 15.33
CA LYS B 157 2.46 23.23 13.96
C LYS B 157 3.50 22.11 13.85
N LEU B 158 4.08 21.72 14.98
CA LEU B 158 5.27 20.90 15.01
C LEU B 158 5.04 19.47 15.52
N LYS B 159 3.77 19.07 15.64
CA LYS B 159 3.39 17.79 16.25
C LYS B 159 3.61 16.60 15.30
N GLY B 160 4.62 15.77 15.60
CA GLY B 160 4.92 14.63 14.76
C GLY B 160 5.65 14.99 13.48
N ILE B 161 6.18 16.22 13.43
CA ILE B 161 6.97 16.72 12.31
C ILE B 161 8.45 16.34 12.43
N LEU B 162 8.89 16.01 13.65
CA LEU B 162 10.31 15.78 13.87
C LEU B 162 10.64 14.31 13.86
N ASN B 163 11.63 13.96 13.05
CA ASN B 163 12.21 12.62 13.10
C ASN B 163 12.99 12.45 14.41
N ARG B 164 12.62 11.43 15.18
CA ARG B 164 13.37 11.07 16.39
C ARG B 164 14.64 10.34 15.94
N ILE B 165 15.61 10.21 16.86
CA ILE B 165 16.98 9.76 16.49
C ILE B 165 17.41 8.39 17.03
N SER B 166 16.91 8.00 18.20
CA SER B 166 17.32 6.74 18.83
C SER B 166 17.05 5.43 18.05
N GLN B 167 16.29 5.54 16.96
CA GLN B 167 16.03 4.40 16.07
C GLN B 167 17.35 3.85 15.51
N TYR B 168 18.22 4.77 15.10
CA TYR B 168 19.63 4.49 14.81
C TYR B 168 20.36 4.44 16.16
N GLN B 169 21.63 4.03 16.17
CA GLN B 169 22.27 3.74 17.46
C GLN B 169 23.69 4.29 17.56
N LEU B 170 23.77 5.62 17.59
CA LEU B 170 25.06 6.29 17.43
C LEU B 170 25.82 6.38 18.75
N ASP B 171 26.95 5.69 18.79
CA ASP B 171 27.87 5.68 19.94
C ASP B 171 27.86 7.05 20.63
N ALA B 172 27.58 7.03 21.93
CA ALA B 172 27.52 8.24 22.77
C ALA B 172 28.59 9.27 22.43
N ASP B 173 29.81 8.78 22.21
CA ASP B 173 30.98 9.61 21.93
C ASP B 173 30.78 10.43 20.67
N LYS B 174 30.09 9.84 19.70
CA LYS B 174 29.92 10.46 18.40
C LYS B 174 28.92 11.61 18.47
N LEU B 175 27.85 11.42 19.24
CA LEU B 175 26.83 12.45 19.42
C LEU B 175 27.39 13.70 20.05
N ILE B 176 28.21 13.50 21.08
CA ILE B 176 28.79 14.59 21.85
C ILE B 176 29.69 15.42 20.94
N GLY B 177 30.60 14.76 20.24
CA GLY B 177 31.56 15.43 19.36
C GLY B 177 30.84 16.10 18.20
N LEU B 178 29.70 15.52 17.85
CA LEU B 178 28.79 16.08 16.87
C LEU B 178 28.09 17.31 17.42
N ILE B 179 27.62 17.26 18.66
CA ILE B 179 27.12 18.48 19.32
C ILE B 179 28.20 19.55 19.30
N ASN B 180 29.35 19.22 19.89
CA ASN B 180 30.48 20.14 19.98
C ASN B 180 30.83 20.76 18.62
N GLU B 181 30.68 19.97 17.58
CA GLU B 181 31.01 20.40 16.22
C GLU B 181 30.23 21.61 15.73
N PHE B 182 28.98 21.74 16.19
CA PHE B 182 28.09 22.80 15.71
C PHE B 182 28.16 24.11 16.51
N SER B 183 28.86 24.06 17.64
CA SER B 183 29.11 25.23 18.48
C SER B 183 30.43 25.88 18.07
N LEU B 184 30.37 26.93 17.25
CA LEU B 184 31.59 27.45 16.66
C LEU B 184 31.65 28.95 16.28
N THR B 185 30.93 29.33 15.22
CA THR B 185 31.01 30.70 14.68
C THR B 185 29.97 31.64 15.27
N SER B 186 28.78 31.11 15.58
CA SER B 186 27.64 31.93 15.95
C SER B 186 27.27 32.84 14.77
N SER B 201 23.10 34.65 12.03
CA SER B 201 23.33 33.21 12.09
C SER B 201 22.22 32.42 11.39
N LYS B 202 20.98 32.57 11.88
CA LYS B 202 19.83 31.76 11.42
C LYS B 202 19.92 31.36 9.94
N ASP B 203 20.16 32.36 9.11
CA ASP B 203 20.37 32.23 7.67
C ASP B 203 21.52 31.29 7.26
N ILE B 204 22.41 30.99 8.22
CA ILE B 204 23.54 30.07 8.04
C ILE B 204 23.03 28.64 8.03
N LEU B 205 22.34 28.28 9.12
CA LEU B 205 21.90 26.92 9.37
C LEU B 205 20.97 26.45 8.27
N GLY B 206 20.40 27.42 7.55
CA GLY B 206 19.57 27.18 6.38
C GLY B 206 20.34 26.67 5.18
N HIS B 207 21.57 27.13 4.98
CA HIS B 207 22.41 26.52 3.94
C HIS B 207 23.05 25.22 4.38
N VAL B 208 23.55 25.18 5.63
CA VAL B 208 24.11 23.94 6.17
C VAL B 208 23.11 22.80 5.96
N TYR B 209 21.91 22.98 6.48
CA TYR B 209 20.83 22.02 6.30
C TYR B 209 20.65 21.65 4.82
N GLU B 210 20.60 22.66 3.95
CA GLU B 210 20.49 22.46 2.50
C GLU B 210 21.65 21.68 1.92
N TYR B 211 22.86 22.22 2.12
CA TYR B 211 24.11 21.55 1.78
C TYR B 211 24.04 20.11 2.22
N PHE B 212 23.86 19.92 3.52
CA PHE B 212 23.87 18.60 4.09
C PHE B 212 22.90 17.65 3.42
N LEU B 213 21.78 18.20 2.96
CA LEU B 213 20.67 17.40 2.41
C LEU B 213 20.99 16.77 1.05
N GLY B 214 21.63 17.52 0.16
CA GLY B 214 22.15 16.96 -1.09
C GLY B 214 23.14 15.84 -0.84
N GLN B 215 24.28 16.22 -0.27
CA GLN B 215 25.40 15.32 0.06
C GLN B 215 24.94 13.95 0.57
N PHE B 216 23.97 13.96 1.47
CA PHE B 216 23.46 12.72 2.03
C PHE B 216 22.75 11.81 1.02
N ALA B 217 22.11 12.41 0.02
CA ALA B 217 21.47 11.59 -1.03
C ALA B 217 22.57 10.99 -1.88
N LEU B 218 23.44 11.85 -2.39
CA LEU B 218 24.62 11.42 -3.14
C LEU B 218 25.21 10.15 -2.54
N ALA B 219 25.48 10.20 -1.24
CA ALA B 219 26.19 9.14 -0.53
C ALA B 219 25.37 7.88 -0.27
N GLU B 220 24.09 8.03 0.08
CA GLU B 220 23.21 6.86 0.24
C GLU B 220 22.78 6.35 -1.15
N GLY B 221 23.14 7.13 -2.17
CA GLY B 221 22.98 6.75 -3.58
C GLY B 221 21.57 6.68 -4.14
N LYS B 222 20.57 6.93 -3.29
CA LYS B 222 19.15 6.94 -3.70
C LYS B 222 18.79 8.23 -4.41
N GLN B 223 18.23 8.06 -5.60
CA GLN B 223 18.09 9.14 -6.59
C GLN B 223 16.63 9.49 -6.91
N GLY B 224 16.39 10.73 -7.31
CA GLY B 224 15.07 11.16 -7.77
C GLY B 224 14.56 12.39 -7.02
N GLY B 225 13.39 12.88 -7.42
CA GLY B 225 12.78 14.03 -6.75
C GLY B 225 12.10 13.73 -5.42
N GLN B 226 11.70 12.47 -5.22
CA GLN B 226 11.06 12.04 -3.97
C GLN B 226 12.05 12.01 -2.79
N TYR B 227 13.34 12.11 -3.10
CA TYR B 227 14.40 12.14 -2.10
C TYR B 227 15.09 13.50 -2.01
N TYR B 228 15.72 13.95 -3.12
CA TYR B 228 16.42 15.25 -3.24
C TYR B 228 16.48 15.69 -4.70
N THR B 229 16.18 16.95 -5.01
CA THR B 229 16.38 17.42 -6.39
C THR B 229 17.47 18.49 -6.48
N PRO B 230 18.42 18.32 -7.41
CA PRO B 230 19.57 19.23 -7.46
C PRO B 230 19.22 20.69 -7.70
N LYS B 231 19.86 21.55 -6.91
CA LYS B 231 19.69 22.97 -6.96
C LYS B 231 19.49 23.52 -8.39
N SER B 232 20.39 23.18 -9.31
CA SER B 232 20.35 23.81 -10.66
C SER B 232 18.99 23.63 -11.32
N ILE B 233 18.42 22.44 -11.17
CA ILE B 233 17.13 22.06 -11.75
C ILE B 233 15.91 22.65 -11.01
N VAL B 234 16.03 22.81 -9.71
CA VAL B 234 14.95 23.43 -8.94
C VAL B 234 14.96 24.97 -9.16
N THR B 235 16.16 25.53 -9.25
CA THR B 235 16.36 26.93 -9.58
C THR B 235 15.91 27.19 -11.01
N LEU B 236 16.27 26.31 -11.94
CA LEU B 236 15.83 26.52 -13.34
C LEU B 236 14.32 26.52 -13.50
N ILE B 237 13.64 25.47 -13.05
CA ILE B 237 12.18 25.34 -13.28
C ILE B 237 11.44 26.54 -12.69
N VAL B 238 11.98 27.07 -11.60
CA VAL B 238 11.35 28.17 -10.88
C VAL B 238 11.47 29.53 -11.59
N GLU B 239 12.63 29.85 -12.15
CA GLU B 239 12.79 31.10 -12.93
C GLU B 239 11.92 31.08 -14.19
N MET B 240 11.65 29.91 -14.75
CA MET B 240 10.78 29.87 -15.93
C MET B 240 9.30 30.12 -15.55
N LEU B 241 8.88 29.66 -14.37
CA LEU B 241 7.48 29.86 -13.95
C LEU B 241 7.20 31.23 -13.35
N GLU B 242 8.21 31.81 -12.69
CA GLU B 242 8.10 33.16 -12.11
C GLU B 242 7.00 33.25 -11.08
N PRO B 243 7.02 32.39 -10.06
CA PRO B 243 5.88 32.47 -9.17
C PRO B 243 6.08 33.59 -8.19
N TYR B 244 5.48 34.74 -8.46
CA TYR B 244 5.60 35.83 -7.49
C TYR B 244 4.49 35.73 -6.49
N LYS B 245 3.37 35.14 -6.90
CA LYS B 245 2.12 35.32 -6.20
C LYS B 245 1.10 34.25 -6.59
N GLY B 246 0.48 33.66 -5.58
CA GLY B 246 -0.61 32.73 -5.77
C GLY B 246 -0.41 31.40 -5.07
N ARG B 247 -0.95 30.36 -5.69
CA ARG B 247 -0.95 29.05 -5.09
C ARG B 247 0.19 28.24 -5.71
N VAL B 248 1.12 27.80 -4.87
CA VAL B 248 2.29 27.04 -5.33
C VAL B 248 2.18 25.60 -4.87
N TYR B 249 2.26 24.67 -5.83
CA TYR B 249 1.96 23.27 -5.52
C TYR B 249 2.92 22.26 -6.15
N ASP B 250 3.29 21.25 -5.34
CA ASP B 250 4.18 20.19 -5.72
C ASP B 250 3.66 18.86 -5.15
N PRO B 251 3.12 18.01 -6.03
CA PRO B 251 2.44 16.78 -5.63
C PRO B 251 3.35 15.65 -5.09
N ALA B 252 4.67 15.83 -5.17
CA ALA B 252 5.63 14.81 -4.73
C ALA B 252 6.89 15.55 -4.30
N MET B 253 6.74 16.35 -3.24
CA MET B 253 7.66 17.40 -2.85
C MET B 253 9.03 16.93 -2.41
N GLY B 254 9.18 15.64 -2.23
CA GLY B 254 10.47 15.13 -1.78
C GLY B 254 10.81 15.85 -0.51
N SER B 255 12.09 16.20 -0.35
CA SER B 255 12.56 16.94 0.82
C SER B 255 12.12 18.41 0.78
N GLY B 256 11.29 18.76 -0.22
CA GLY B 256 10.72 20.12 -0.31
C GLY B 256 11.52 21.13 -1.11
N GLY B 257 12.42 20.66 -1.97
CA GLY B 257 13.28 21.52 -2.79
C GLY B 257 12.63 22.59 -3.65
N PHE B 258 11.45 22.32 -4.22
CA PHE B 258 10.81 23.33 -5.10
C PHE B 258 10.26 24.53 -4.34
N PHE B 259 10.07 24.35 -3.03
CA PHE B 259 9.59 25.43 -2.18
C PHE B 259 10.72 26.36 -1.71
N VAL B 260 11.81 25.76 -1.20
CA VAL B 260 12.98 26.56 -0.84
C VAL B 260 13.31 27.48 -2.01
N SER B 261 13.36 26.89 -3.19
CA SER B 261 13.74 27.61 -4.40
C SER B 261 12.77 28.72 -4.78
N SER B 262 11.49 28.48 -4.54
CA SER B 262 10.45 29.47 -4.80
C SER B 262 10.56 30.63 -3.83
N ASP B 263 10.97 30.34 -2.60
CA ASP B 263 11.27 31.36 -1.61
C ASP B 263 12.51 32.17 -2.04
N LYS B 264 13.63 31.48 -2.27
CA LYS B 264 14.81 32.10 -2.83
C LYS B 264 14.44 33.07 -3.97
N PHE B 265 13.56 32.63 -4.86
CA PHE B 265 13.21 33.43 -6.03
C PHE B 265 12.49 34.74 -5.66
N ILE B 266 11.59 34.68 -4.68
CA ILE B 266 11.00 35.90 -4.18
C ILE B 266 12.14 36.86 -3.83
N GLU B 267 12.92 36.51 -2.80
CA GLU B 267 14.04 37.31 -2.34
C GLU B 267 14.90 37.86 -3.50
N LYS B 268 15.36 36.98 -4.38
CA LYS B 268 16.29 37.41 -5.45
C LYS B 268 15.74 38.30 -6.54
N HIS B 269 14.49 38.72 -6.42
CA HIS B 269 13.95 39.67 -7.37
C HIS B 269 13.35 40.89 -6.68
N ALA B 270 13.70 41.06 -5.40
CA ALA B 270 13.19 42.16 -4.56
C ALA B 270 13.81 43.51 -4.90
N ASN B 271 15.08 43.48 -5.32
CA ASN B 271 15.80 44.68 -5.70
C ASN B 271 15.40 45.17 -7.09
N VAL B 272 15.24 44.24 -8.04
CA VAL B 272 15.04 44.61 -9.45
C VAL B 272 13.56 44.80 -9.83
N LYS B 273 12.65 44.51 -8.90
CA LYS B 273 11.21 44.57 -9.19
C LYS B 273 10.43 45.51 -8.28
N HIS B 274 11.12 46.05 -7.27
CA HIS B 274 10.60 47.11 -6.39
C HIS B 274 9.53 46.67 -5.39
N TYR B 275 9.77 45.56 -4.71
CA TYR B 275 8.93 45.17 -3.55
C TYR B 275 9.77 44.79 -2.32
N ASN B 276 9.09 44.65 -1.18
CA ASN B 276 9.71 44.06 0.01
C ASN B 276 9.53 42.55 -0.05
N ALA B 277 10.66 41.84 -0.17
CA ALA B 277 10.65 40.39 -0.26
C ALA B 277 9.69 39.78 0.76
N SER B 278 9.91 40.09 2.03
CA SER B 278 9.16 39.49 3.13
C SER B 278 7.69 39.88 3.11
N GLU B 279 7.35 40.91 2.35
CA GLU B 279 5.96 41.29 2.14
C GLU B 279 5.36 40.54 0.96
N GLN B 280 6.19 40.22 -0.03
CA GLN B 280 5.74 39.38 -1.11
C GLN B 280 5.61 37.91 -0.70
N LYS B 281 6.57 37.42 0.10
CA LYS B 281 6.53 36.04 0.64
C LYS B 281 5.12 35.62 0.98
N LYS B 282 4.44 36.45 1.78
CA LYS B 282 3.10 36.18 2.28
C LYS B 282 2.08 36.00 1.16
N GLN B 283 2.39 36.57 -0.01
CA GLN B 283 1.49 36.63 -1.16
C GLN B 283 1.41 35.29 -1.89
N ILE B 284 2.28 34.35 -1.49
CA ILE B 284 2.15 32.97 -1.93
C ILE B 284 1.78 32.05 -0.77
N SER B 285 1.18 30.94 -1.14
CA SER B 285 0.83 29.88 -0.21
C SER B 285 1.38 28.56 -0.75
N VAL B 286 1.92 27.76 0.14
CA VAL B 286 2.57 26.53 -0.21
C VAL B 286 1.65 25.36 0.11
N TYR B 287 1.44 24.51 -0.89
CA TYR B 287 0.75 23.23 -0.68
C TYR B 287 1.62 22.11 -1.25
N GLY B 288 1.76 21.01 -0.50
CA GLY B 288 2.50 19.88 -1.00
C GLY B 288 2.02 18.55 -0.49
N GLN B 289 2.51 17.49 -1.13
CA GLN B 289 2.25 16.14 -0.70
C GLN B 289 3.48 15.25 -0.96
N GLU B 290 3.65 14.26 -0.09
CA GLU B 290 4.78 13.34 -0.10
C GLU B 290 4.25 11.99 0.40
N SER B 291 4.76 10.88 -0.12
CA SER B 291 4.26 9.58 0.34
C SER B 291 5.07 9.00 1.48
N ASN B 292 6.37 9.27 1.50
CA ASN B 292 7.28 8.74 2.51
C ASN B 292 7.19 9.55 3.81
N PRO B 293 6.85 8.87 4.94
CA PRO B 293 6.64 9.60 6.20
C PRO B 293 7.89 10.36 6.64
N THR B 294 9.03 9.69 6.50
CA THR B 294 10.37 10.20 6.74
C THR B 294 10.63 11.46 5.92
N THR B 295 10.36 11.41 4.63
CA THR B 295 10.64 12.52 3.72
C THR B 295 9.76 13.74 4.00
N TRP B 296 8.47 13.50 4.23
CA TRP B 296 7.51 14.54 4.61
C TRP B 296 8.07 15.40 5.75
N LYS B 297 8.41 14.74 6.86
CA LYS B 297 9.06 15.35 8.02
C LYS B 297 10.24 16.22 7.63
N LEU B 298 11.20 15.68 6.89
CA LEU B 298 12.38 16.46 6.52
C LEU B 298 11.97 17.76 5.86
N ALA B 299 11.19 17.65 4.78
CA ALA B 299 10.55 18.81 4.17
C ALA B 299 9.91 19.77 5.17
N ALA B 300 9.16 19.27 6.14
CA ALA B 300 8.55 20.21 7.10
C ALA B 300 9.66 20.92 7.88
N MET B 301 10.61 20.13 8.38
CA MET B 301 11.77 20.68 9.08
C MET B 301 12.45 21.75 8.21
N ASN B 302 12.63 21.42 6.92
CA ASN B 302 13.17 22.37 5.96
C ASN B 302 12.32 23.65 5.81
N MET B 303 10.99 23.51 5.79
CA MET B 303 10.16 24.71 5.70
C MET B 303 10.38 25.54 6.97
N VAL B 304 10.22 24.90 8.12
CA VAL B 304 10.39 25.55 9.43
C VAL B 304 11.71 26.26 9.57
N ILE B 305 12.80 25.63 9.11
CA ILE B 305 14.13 26.28 9.12
C ILE B 305 14.20 27.54 8.29
N ARG B 306 13.62 27.52 7.09
CA ARG B 306 13.70 28.64 6.15
C ARG B 306 12.50 29.58 6.33
N GLY B 307 11.74 29.37 7.40
CA GLY B 307 10.57 30.19 7.70
C GLY B 307 9.56 30.29 6.58
N ILE B 308 9.08 29.14 6.12
CA ILE B 308 8.01 29.07 5.13
C ILE B 308 6.81 28.31 5.71
N ASP B 309 5.74 29.04 6.02
CA ASP B 309 4.45 28.42 6.33
C ASP B 309 4.04 27.54 5.13
N PHE B 310 3.41 26.39 5.38
CA PHE B 310 3.16 25.41 4.34
C PHE B 310 1.94 24.56 4.65
N ASN B 311 1.27 24.10 3.60
CA ASN B 311 0.16 23.13 3.77
C ASN B 311 0.44 21.75 3.13
N PHE B 312 0.91 20.80 3.96
CA PHE B 312 1.31 19.46 3.48
C PHE B 312 0.31 18.35 3.80
N GLY B 313 -0.93 18.73 4.09
CA GLY B 313 -2.00 17.79 4.30
C GLY B 313 -2.02 17.30 5.72
N LYS B 314 -2.88 16.34 6.01
CA LYS B 314 -3.00 15.81 7.36
C LYS B 314 -1.77 14.99 7.70
N LYS B 315 -1.25 14.27 6.71
CA LYS B 315 -0.14 13.35 6.95
C LYS B 315 0.51 13.08 5.63
N ASN B 316 1.63 12.35 5.66
CA ASN B 316 2.17 11.76 4.44
C ASN B 316 1.15 10.84 3.80
N ALA B 317 1.03 10.90 2.48
CA ALA B 317 0.12 9.97 1.81
C ALA B 317 0.37 9.88 0.31
N ASP B 318 -0.35 8.96 -0.32
CA ASP B 318 -0.21 8.69 -1.73
C ASP B 318 -1.06 9.69 -2.53
N SER B 319 -0.42 10.42 -3.43
CA SER B 319 -1.12 11.41 -4.26
C SER B 319 -2.26 10.86 -5.12
N PHE B 320 -2.18 9.57 -5.47
CA PHE B 320 -3.28 8.98 -6.22
C PHE B 320 -4.42 8.51 -5.32
N LEU B 321 -4.17 7.48 -4.51
CA LEU B 321 -5.16 6.90 -3.59
C LEU B 321 -5.62 7.87 -2.52
N ASP B 322 -4.75 8.81 -2.13
CA ASP B 322 -5.07 9.72 -1.03
C ASP B 322 -4.73 11.20 -1.22
N ASP B 323 -5.33 11.81 -2.22
CA ASP B 323 -5.13 13.23 -2.55
C ASP B 323 -5.49 14.08 -1.33
N GLN B 324 -4.55 14.89 -0.88
CA GLN B 324 -4.65 15.62 0.40
C GLN B 324 -5.27 16.98 0.19
N HIS B 325 -5.24 17.40 -1.06
CA HIS B 325 -5.70 18.70 -1.46
C HIS B 325 -6.65 18.51 -2.61
N PRO B 326 -7.82 17.87 -2.38
CA PRO B 326 -8.67 17.48 -3.53
C PRO B 326 -9.30 18.66 -4.29
N ASP B 327 -9.28 19.83 -3.65
CA ASP B 327 -9.91 21.04 -4.18
C ASP B 327 -8.90 22.08 -4.63
N LEU B 328 -7.63 21.72 -4.58
CA LEU B 328 -6.61 22.68 -4.92
C LEU B 328 -6.59 22.92 -6.44
N ARG B 329 -6.86 24.16 -6.82
CA ARG B 329 -6.58 24.71 -8.14
C ARG B 329 -5.47 25.73 -7.94
N ALA B 330 -4.24 25.28 -8.15
CA ALA B 330 -3.08 26.11 -7.91
C ALA B 330 -2.75 26.96 -9.14
N ASP B 331 -1.91 27.97 -8.93
CA ASP B 331 -1.46 28.84 -10.02
C ASP B 331 -0.16 28.35 -10.65
N PHE B 332 0.72 27.82 -9.81
CA PHE B 332 1.95 27.19 -10.28
C PHE B 332 2.07 25.80 -9.68
N VAL B 333 2.28 24.79 -10.52
CA VAL B 333 2.49 23.40 -10.07
C VAL B 333 3.84 22.92 -10.60
N MET B 334 4.61 22.25 -9.75
CA MET B 334 5.98 21.85 -10.10
C MET B 334 6.37 20.58 -9.36
N THR B 335 7.01 19.65 -10.05
CA THR B 335 7.55 18.46 -9.38
C THR B 335 8.76 17.81 -10.07
N ASN B 336 9.39 16.88 -9.37
CA ASN B 336 10.26 15.84 -9.97
C ASN B 336 9.79 14.54 -9.39
N PRO B 337 8.89 13.86 -10.07
CA PRO B 337 8.43 12.62 -9.50
C PRO B 337 9.49 11.55 -9.65
N PRO B 338 9.37 10.46 -8.87
CA PRO B 338 10.24 9.29 -9.20
C PRO B 338 9.91 8.94 -10.64
N PHE B 339 10.93 8.68 -11.49
CA PHE B 339 10.69 8.33 -12.91
C PHE B 339 10.23 6.89 -13.07
N ASN B 340 9.36 6.68 -14.05
CA ASN B 340 8.92 5.36 -14.53
C ASN B 340 8.33 4.47 -13.41
N MET B 341 7.58 5.10 -12.52
CA MET B 341 6.96 4.45 -11.37
C MET B 341 5.96 3.43 -11.89
N LYS B 342 6.16 2.15 -11.59
CA LYS B 342 5.09 1.16 -11.85
C LYS B 342 4.32 0.91 -10.57
N ASP B 343 3.37 -0.03 -10.63
CA ASP B 343 2.68 -0.54 -9.43
C ASP B 343 1.79 0.44 -8.65
N TRP B 344 1.75 1.69 -9.11
CA TRP B 344 0.86 2.73 -8.58
C TRP B 344 -0.60 2.52 -8.93
N TRP B 345 -0.88 1.76 -10.00
CA TRP B 345 -2.26 1.55 -10.42
C TRP B 345 -3.09 0.79 -9.40
N HIS B 346 -4.34 1.21 -9.25
CA HIS B 346 -5.36 0.41 -8.58
C HIS B 346 -6.68 0.60 -9.32
N GLU B 347 -7.53 -0.42 -9.24
CA GLU B 347 -8.79 -0.46 -9.97
C GLU B 347 -9.71 0.65 -9.53
N LYS B 348 -9.55 1.09 -8.28
CA LYS B 348 -10.36 2.21 -7.81
C LYS B 348 -9.96 3.56 -8.42
N LEU B 349 -8.95 3.55 -9.29
CA LEU B 349 -8.45 4.77 -9.92
C LEU B 349 -8.92 4.89 -11.36
N ALA B 350 -9.91 4.06 -11.72
CA ALA B 350 -10.48 4.09 -13.06
C ALA B 350 -11.54 5.16 -13.12
N ASP B 351 -11.63 5.83 -14.27
CA ASP B 351 -12.61 6.91 -14.50
C ASP B 351 -12.44 8.10 -13.52
N ASP B 352 -11.30 8.12 -12.84
CA ASP B 352 -10.83 9.29 -12.10
C ASP B 352 -10.83 10.54 -13.01
N PRO B 353 -11.52 11.61 -12.59
CA PRO B 353 -11.63 12.84 -13.37
C PRO B 353 -10.24 13.39 -13.77
N ARG B 354 -9.24 13.14 -12.94
CA ARG B 354 -7.87 13.48 -13.32
C ARG B 354 -7.48 13.01 -14.73
N TRP B 355 -8.10 11.94 -15.24
CA TRP B 355 -7.84 11.43 -16.60
C TRP B 355 -8.67 12.11 -17.71
N THR B 356 -9.71 12.84 -17.33
CA THR B 356 -10.54 13.57 -18.29
C THR B 356 -9.94 14.96 -18.51
N ILE B 357 -9.91 15.39 -19.77
CA ILE B 357 -9.35 16.69 -20.16
C ILE B 357 -10.40 17.62 -20.77
N ASN B 358 -10.77 18.65 -20.03
CA ASN B 358 -11.88 19.55 -20.35
C ASN B 358 -11.43 20.90 -20.89
N THR B 359 -10.86 20.88 -22.09
CA THR B 359 -10.36 22.12 -22.71
C THR B 359 -11.00 22.39 -24.09
N LYS B 363 -14.03 17.68 -23.59
CA LYS B 363 -14.16 16.54 -22.68
C LYS B 363 -13.68 15.24 -23.32
N ARG B 364 -12.39 15.23 -23.71
CA ARG B 364 -11.72 14.06 -24.31
C ARG B 364 -11.02 13.19 -23.27
N ILE B 365 -11.62 12.04 -22.96
CA ILE B 365 -11.08 11.06 -22.00
C ILE B 365 -9.89 10.31 -22.58
N LEU B 366 -8.86 10.14 -21.74
CA LEU B 366 -7.70 9.33 -22.07
C LEU B 366 -7.73 8.09 -21.21
N THR B 367 -7.13 7.02 -21.71
CA THR B 367 -6.83 5.87 -20.89
C THR B 367 -5.56 6.19 -20.10
N PRO B 368 -5.59 6.03 -18.78
CA PRO B 368 -4.37 6.38 -18.06
C PRO B 368 -3.22 5.41 -18.44
N PRO B 369 -1.97 5.75 -18.09
CA PRO B 369 -0.87 4.83 -18.32
C PRO B 369 -0.63 3.92 -17.11
N THR B 370 -1.33 2.79 -17.07
CA THR B 370 -1.44 2.03 -15.81
C THR B 370 -0.14 1.38 -15.33
N GLY B 371 0.97 1.66 -16.02
CA GLY B 371 2.30 1.10 -15.72
C GLY B 371 3.49 2.07 -15.61
N ASN B 372 3.54 3.09 -16.48
CA ASN B 372 4.48 4.20 -16.28
C ASN B 372 3.67 5.43 -15.84
N ALA B 373 3.89 5.83 -14.59
CA ALA B 373 3.15 6.91 -13.94
C ALA B 373 3.60 8.33 -14.35
N ASN B 374 4.58 8.42 -15.25
CA ASN B 374 5.06 9.72 -15.70
C ASN B 374 3.91 10.69 -16.03
N PHE B 375 2.95 10.24 -16.83
CA PHE B 375 1.85 11.09 -17.34
C PHE B 375 0.64 11.10 -16.41
N ALA B 376 0.53 10.09 -15.58
CA ALA B 376 -0.36 10.14 -14.43
C ALA B 376 0.00 11.32 -13.55
N TRP B 377 1.28 11.51 -13.23
CA TRP B 377 1.70 12.73 -12.52
C TRP B 377 1.29 13.97 -13.34
N MET B 378 1.54 13.92 -14.64
CA MET B 378 1.30 15.08 -15.51
C MET B 378 -0.17 15.45 -15.59
N LEU B 379 -1.04 14.44 -15.58
CA LEU B 379 -2.48 14.67 -15.63
C LEU B 379 -3.04 15.08 -14.27
N HIS B 380 -2.41 14.60 -13.21
CA HIS B 380 -2.77 15.00 -11.85
C HIS B 380 -2.54 16.48 -11.62
N MET B 381 -1.33 16.93 -11.91
CA MET B 381 -0.92 18.34 -11.83
C MET B 381 -1.89 19.29 -12.59
N LEU B 382 -2.36 18.87 -13.78
CA LEU B 382 -3.22 19.72 -14.64
C LEU B 382 -4.61 19.85 -14.06
N TYR B 383 -5.16 18.72 -13.64
CA TYR B 383 -6.39 18.71 -12.88
C TYR B 383 -6.28 19.60 -11.64
N HIS B 384 -5.08 19.83 -11.12
CA HIS B 384 -4.89 20.74 -9.98
C HIS B 384 -4.32 22.10 -10.39
N LEU B 385 -4.38 22.36 -11.68
CA LEU B 385 -4.08 23.66 -12.19
C LEU B 385 -5.36 24.52 -12.25
N ALA B 386 -5.25 25.75 -11.79
CA ALA B 386 -6.29 26.75 -12.05
C ALA B 386 -6.32 27.01 -13.56
N PRO B 387 -7.51 27.36 -14.13
CA PRO B 387 -7.68 27.66 -15.55
C PRO B 387 -6.68 28.71 -16.05
N THR B 388 -6.23 29.53 -15.10
CA THR B 388 -5.37 30.68 -15.32
C THR B 388 -3.89 30.34 -15.08
N GLY B 389 -3.64 29.23 -14.39
CA GLY B 389 -2.29 28.93 -13.88
C GLY B 389 -1.38 28.21 -14.85
N SER B 390 -0.13 27.98 -14.44
CA SER B 390 0.81 27.14 -15.22
C SER B 390 1.56 26.12 -14.34
N MET B 391 2.26 25.21 -14.99
CA MET B 391 2.93 24.11 -14.33
C MET B 391 4.21 23.72 -15.09
N ALA B 392 4.99 22.86 -14.46
CA ALA B 392 6.17 22.29 -15.10
C ALA B 392 6.55 21.01 -14.37
N LEU B 393 7.19 20.11 -15.11
CA LEU B 393 7.75 18.92 -14.48
C LEU B 393 8.97 18.38 -15.20
N LEU B 394 9.77 17.64 -14.45
CA LEU B 394 10.96 17.01 -14.97
C LEU B 394 10.54 15.57 -15.22
N LEU B 395 10.77 15.12 -16.46
CA LEU B 395 10.46 13.76 -16.84
C LEU B 395 11.56 13.10 -17.65
N ALA B 396 11.69 11.78 -17.52
CA ALA B 396 12.69 11.03 -18.28
C ALA B 396 12.57 11.36 -19.74
N ASN B 397 13.71 11.54 -20.42
CA ASN B 397 13.74 11.80 -21.86
C ASN B 397 12.70 11.02 -22.67
N GLY B 398 12.67 9.71 -22.52
CA GLY B 398 11.69 8.85 -23.22
C GLY B 398 10.30 9.42 -23.44
N SER B 399 9.73 10.08 -22.43
CA SER B 399 8.36 10.60 -22.52
C SER B 399 8.11 11.47 -23.78
N MET B 400 9.18 12.10 -24.27
CA MET B 400 9.07 13.02 -25.39
C MET B 400 8.72 12.27 -26.67
N SER B 401 9.00 10.96 -26.74
CA SER B 401 8.69 10.23 -27.96
C SER B 401 8.01 8.88 -27.76
N SER B 402 8.26 8.23 -26.64
CA SER B 402 7.75 6.88 -26.43
C SER B 402 6.29 6.62 -26.82
N ASN B 403 6.05 5.41 -27.35
CA ASN B 403 4.72 4.97 -27.72
C ASN B 403 4.21 3.77 -26.90
N THR B 404 4.86 3.54 -25.75
CA THR B 404 4.41 2.55 -24.77
C THR B 404 3.42 3.23 -23.84
N ASN B 405 2.69 2.42 -23.08
CA ASN B 405 1.73 2.91 -22.07
C ASN B 405 0.91 4.11 -22.51
N ASN B 406 0.32 3.99 -23.71
CA ASN B 406 -0.60 4.97 -24.24
C ASN B 406 -0.06 6.42 -24.28
N GLU B 407 1.26 6.55 -24.16
CA GLU B 407 1.90 7.86 -24.15
C GLU B 407 1.84 8.57 -25.51
N GLY B 408 1.86 7.82 -26.60
CA GLY B 408 1.63 8.39 -27.95
C GLY B 408 0.30 9.14 -28.03
N GLU B 409 -0.76 8.53 -27.51
CA GLU B 409 -2.11 9.14 -27.48
C GLU B 409 -2.27 10.28 -26.48
N ILE B 410 -1.61 10.17 -25.32
CA ILE B 410 -1.67 11.22 -24.30
C ILE B 410 -0.90 12.43 -24.75
N ARG B 411 0.23 12.20 -25.41
CA ARG B 411 1.03 13.29 -25.97
C ARG B 411 0.09 14.05 -26.92
N LYS B 412 -0.32 13.37 -28.01
CA LYS B 412 -1.24 13.93 -29.01
C LYS B 412 -2.30 14.79 -28.34
N THR B 413 -3.10 14.16 -27.49
CA THR B 413 -4.24 14.81 -26.86
C THR B 413 -3.87 16.16 -26.27
N LEU B 414 -2.83 16.17 -25.42
CA LEU B 414 -2.44 17.37 -24.68
C LEU B 414 -1.97 18.51 -25.59
N VAL B 415 -1.52 18.17 -26.79
CA VAL B 415 -1.13 19.17 -27.78
C VAL B 415 -2.34 19.67 -28.57
N GLU B 416 -3.27 18.75 -28.86
CA GLU B 416 -4.54 19.11 -29.50
C GLU B 416 -5.35 20.06 -28.62
N GLN B 417 -5.29 19.87 -27.30
CA GLN B 417 -5.97 20.80 -26.38
C GLN B 417 -5.13 22.03 -26.10
N ASP B 418 -3.97 22.12 -26.74
CA ASP B 418 -3.16 23.33 -26.75
C ASP B 418 -2.50 23.65 -25.41
N LEU B 419 -2.01 22.62 -24.71
CA LEU B 419 -1.55 22.80 -23.33
C LEU B 419 -0.03 22.78 -23.23
N VAL B 420 0.60 21.81 -23.87
CA VAL B 420 2.06 21.79 -23.96
C VAL B 420 2.51 23.16 -24.43
N GLU B 421 3.40 23.81 -23.68
CA GLU B 421 3.88 25.17 -23.97
C GLU B 421 5.39 25.27 -24.26
N CYS B 422 6.22 24.92 -23.29
CA CYS B 422 7.67 24.88 -23.52
C CYS B 422 8.14 23.45 -23.27
N MET B 423 9.10 23.01 -24.09
CA MET B 423 9.79 21.75 -23.90
C MET B 423 11.27 22.05 -23.86
N VAL B 424 11.93 21.73 -22.73
CA VAL B 424 13.37 21.90 -22.57
C VAL B 424 14.14 20.59 -22.53
N ALA B 425 15.07 20.41 -23.47
CA ALA B 425 15.92 19.22 -23.50
C ALA B 425 17.24 19.48 -22.76
N LEU B 426 17.62 18.56 -21.88
CA LEU B 426 18.75 18.79 -20.98
C LEU B 426 19.96 17.92 -21.36
N PRO B 427 21.17 18.38 -21.03
CA PRO B 427 22.35 17.57 -21.32
C PRO B 427 22.27 16.24 -20.57
N GLY B 428 22.44 15.13 -21.30
CA GLY B 428 22.29 13.76 -20.74
C GLY B 428 23.13 13.49 -19.50
N GLN B 429 24.11 14.35 -19.27
CA GLN B 429 25.00 14.23 -18.11
C GLN B 429 24.70 15.27 -17.03
N LEU B 430 23.58 15.99 -17.19
CA LEU B 430 23.18 17.00 -16.20
C LEU B 430 23.03 16.36 -14.84
N PHE B 431 23.56 17.02 -13.82
CA PHE B 431 23.44 16.60 -12.44
C PHE B 431 21.97 16.62 -12.07
N THR B 432 21.29 15.54 -12.43
CA THR B 432 19.84 15.39 -12.29
C THR B 432 19.52 14.60 -11.05
N ASN B 433 20.46 13.73 -10.67
CA ASN B 433 20.30 12.70 -9.66
C ASN B 433 19.11 11.79 -9.89
N THR B 434 18.75 11.64 -11.15
CA THR B 434 17.76 10.66 -11.54
C THR B 434 18.56 9.60 -12.26
N GLN B 435 18.14 8.37 -12.12
CA GLN B 435 18.82 7.29 -12.77
C GLN B 435 18.88 7.53 -14.30
N ILE B 436 17.88 8.22 -14.84
CA ILE B 436 17.78 8.49 -16.28
C ILE B 436 17.86 9.99 -16.58
N PRO B 437 18.51 10.38 -17.71
CA PRO B 437 18.49 11.79 -18.10
C PRO B 437 17.06 12.23 -18.37
N ALA B 438 16.82 13.54 -18.20
CA ALA B 438 15.45 14.03 -18.09
C ALA B 438 15.19 15.23 -18.96
N CYS B 439 13.93 15.65 -19.01
CA CYS B 439 13.63 16.93 -19.62
C CYS B 439 12.64 17.72 -18.80
N ILE B 440 12.39 18.96 -19.23
CA ILE B 440 11.43 19.81 -18.55
C ILE B 440 10.24 20.08 -19.46
N TRP B 441 9.10 19.50 -19.10
CA TRP B 441 7.85 19.87 -19.73
C TRP B 441 7.36 21.16 -19.09
N PHE B 442 6.87 22.07 -19.91
CA PHE B 442 6.24 23.30 -19.43
C PHE B 442 4.88 23.44 -20.09
N LEU B 443 3.84 23.66 -19.29
CA LEU B 443 2.45 23.74 -19.80
C LEU B 443 1.60 24.86 -19.15
N THR B 444 0.56 25.29 -19.86
CA THR B 444 -0.43 26.25 -19.35
C THR B 444 -1.82 25.95 -19.85
N LYS B 445 -2.80 26.21 -18.99
CA LYS B 445 -4.22 26.10 -19.36
C LYS B 445 -4.70 27.28 -20.19
N ASP B 446 -3.90 28.33 -20.27
CA ASP B 446 -4.32 29.53 -20.99
C ASP B 446 -3.20 30.32 -21.71
N LYS B 447 -3.27 30.28 -23.05
CA LYS B 447 -2.24 30.85 -23.91
C LYS B 447 -2.71 32.13 -24.60
N ASN B 448 -3.73 32.77 -24.02
CA ASN B 448 -4.33 34.02 -24.53
C ASN B 448 -3.51 35.29 -24.29
N ALA B 449 -3.88 36.33 -25.02
CA ALA B 449 -3.31 37.67 -24.84
C ALA B 449 -3.68 38.19 -23.45
N LYS B 450 -2.66 38.61 -22.68
CA LYS B 450 -2.82 38.92 -21.26
C LYS B 450 -1.54 39.52 -20.66
N ASN B 451 -1.66 39.94 -19.40
CA ASN B 451 -0.56 40.27 -18.45
C ASN B 451 0.73 40.96 -18.92
N GLY B 452 0.94 41.00 -20.23
CA GLY B 452 2.25 41.29 -20.83
C GLY B 452 2.56 40.18 -21.83
N LYS B 453 1.90 39.04 -21.62
CA LYS B 453 2.06 37.86 -22.47
C LYS B 453 1.07 37.89 -23.65
N ARG B 454 1.57 37.61 -24.84
CA ARG B 454 0.82 37.74 -26.10
C ARG B 454 -0.24 36.66 -26.32
N ASP B 455 -0.82 36.66 -27.51
CA ASP B 455 -1.61 35.54 -27.98
C ASP B 455 -0.63 34.52 -28.56
N ARG B 456 -0.57 33.34 -27.94
CA ARG B 456 0.32 32.30 -28.45
C ARG B 456 -0.36 30.93 -28.53
N ARG B 457 -1.66 30.93 -28.75
CA ARG B 457 -2.43 29.70 -29.00
C ARG B 457 -1.91 28.93 -30.20
N GLY B 458 -1.97 27.60 -30.11
CA GLY B 458 -1.49 26.72 -31.15
C GLY B 458 0.02 26.62 -31.21
N GLN B 459 0.71 27.41 -30.39
CA GLN B 459 2.16 27.44 -30.43
C GLN B 459 2.91 26.87 -29.20
N VAL B 460 4.03 26.21 -29.50
CA VAL B 460 4.86 25.50 -28.51
C VAL B 460 6.33 25.72 -28.85
N LEU B 461 7.11 26.10 -27.84
CA LEU B 461 8.54 26.41 -28.02
C LEU B 461 9.42 25.22 -27.65
N PHE B 462 10.36 24.90 -28.53
CA PHE B 462 11.28 23.83 -28.26
C PHE B 462 12.66 24.39 -28.00
N ILE B 463 13.10 24.31 -26.73
CA ILE B 463 14.51 24.58 -26.38
C ILE B 463 15.37 23.31 -26.29
N ASP B 464 16.46 23.30 -27.04
CA ASP B 464 17.45 22.24 -27.00
C ASP B 464 18.68 22.78 -26.28
N ALA B 465 18.80 22.45 -25.00
CA ALA B 465 19.87 22.97 -24.14
C ALA B 465 20.93 21.92 -23.80
N ARG B 466 21.01 20.87 -24.60
CA ARG B 466 22.10 19.89 -24.43
C ARG B 466 23.49 20.57 -24.41
N LYS B 467 23.74 21.49 -25.34
CA LYS B 467 25.08 22.09 -25.48
C LYS B 467 25.46 23.08 -24.35
N LEU B 468 24.49 23.50 -23.55
CA LEU B 468 24.78 24.33 -22.38
C LEU B 468 25.30 23.50 -21.20
N GLY B 469 25.88 24.17 -20.21
CA GLY B 469 26.51 23.45 -19.09
C GLY B 469 27.99 23.73 -18.93
N TYR B 470 28.58 23.16 -17.88
CA TYR B 470 29.99 23.29 -17.55
C TYR B 470 30.43 22.10 -16.71
N MET B 471 31.66 21.66 -16.89
CA MET B 471 32.16 20.51 -16.13
C MET B 471 32.09 20.71 -14.63
N LYS B 472 31.20 19.95 -13.98
CA LYS B 472 31.14 19.88 -12.53
C LYS B 472 32.30 19.03 -12.02
N ASP B 473 32.38 17.79 -12.51
CA ASP B 473 33.56 16.93 -12.38
C ASP B 473 33.99 16.48 -13.78
N ARG B 474 34.63 15.32 -13.90
CA ARG B 474 34.96 14.75 -15.21
C ARG B 474 33.68 14.43 -15.99
N VAL B 475 32.69 13.87 -15.32
CA VAL B 475 31.43 13.52 -16.00
C VAL B 475 30.39 14.66 -15.92
N LEU B 476 29.67 14.76 -14.81
CA LEU B 476 28.63 15.78 -14.61
C LEU B 476 28.96 17.13 -15.24
N ARG B 477 27.98 17.66 -15.96
CA ARG B 477 27.94 19.05 -16.35
C ARG B 477 26.75 19.63 -15.59
N ASP B 478 26.84 20.92 -15.23
CA ASP B 478 25.81 21.56 -14.41
C ASP B 478 25.49 22.97 -14.93
N PHE B 479 24.61 23.71 -14.23
CA PHE B 479 24.16 25.03 -14.72
C PHE B 479 24.43 26.17 -13.73
N LYS B 480 25.35 27.06 -14.10
CA LYS B 480 25.39 28.43 -13.56
C LYS B 480 24.03 29.14 -13.78
N ASP B 481 23.56 29.88 -12.77
CA ASP B 481 22.30 30.64 -12.89
C ASP B 481 22.43 31.60 -14.10
N GLU B 482 23.66 31.84 -14.52
CA GLU B 482 23.88 32.50 -15.79
C GLU B 482 23.15 31.75 -16.88
N ASP B 483 23.44 30.45 -16.99
CA ASP B 483 22.75 29.57 -17.95
C ASP B 483 21.26 29.53 -17.65
N ILE B 484 20.94 29.56 -16.36
CA ILE B 484 19.55 29.54 -15.95
C ILE B 484 18.81 30.80 -16.44
N GLN B 485 19.52 31.94 -16.44
CA GLN B 485 18.99 33.18 -17.04
C GLN B 485 18.80 33.05 -18.56
N LYS B 486 19.80 32.51 -19.23
CA LYS B 486 19.65 32.29 -20.66
C LYS B 486 18.46 31.42 -21.03
N LEU B 487 18.24 30.30 -20.31
CA LEU B 487 17.04 29.47 -20.56
C LEU B 487 15.74 30.24 -20.27
N ALA B 488 15.64 30.82 -19.08
CA ALA B 488 14.49 31.67 -18.72
C ALA B 488 14.27 32.85 -19.69
N ASP B 489 15.31 33.64 -19.96
CA ASP B 489 15.15 34.75 -20.92
C ASP B 489 14.37 34.25 -22.13
N THR B 490 14.86 33.14 -22.67
CA THR B 490 14.42 32.64 -23.95
C THR B 490 12.94 32.26 -23.90
N PHE B 491 12.50 31.72 -22.77
CA PHE B 491 11.12 31.31 -22.65
C PHE B 491 10.26 32.54 -22.39
N HIS B 492 10.79 33.41 -21.53
CA HIS B 492 10.13 34.64 -21.13
C HIS B 492 10.08 35.70 -22.22
N ASN B 493 11.01 35.62 -23.19
CA ASN B 493 10.94 36.47 -24.38
C ASN B 493 9.74 36.01 -25.19
N TRP B 494 9.74 34.72 -25.52
CA TRP B 494 8.68 34.06 -26.27
C TRP B 494 7.26 34.24 -25.69
N GLN B 495 7.16 34.31 -24.37
CA GLN B 495 5.86 34.52 -23.73
C GLN B 495 5.26 35.89 -24.10
N GLN B 496 6.11 36.86 -24.45
CA GLN B 496 5.66 38.20 -24.84
C GLN B 496 5.45 38.38 -26.35
N GLU B 497 6.42 37.90 -27.12
CA GLU B 497 6.46 38.10 -28.56
C GLU B 497 7.36 37.06 -29.17
N TRP B 498 7.23 36.90 -30.49
CA TRP B 498 8.12 36.04 -31.25
C TRP B 498 7.98 36.38 -32.72
N SER B 499 8.81 35.74 -33.54
CA SER B 499 8.74 35.80 -34.99
C SER B 499 9.60 34.67 -35.53
N GLU B 500 9.57 34.44 -36.84
CA GLU B 500 10.50 33.47 -37.47
C GLU B 500 11.91 33.87 -37.10
N GLU B 501 12.14 35.18 -37.00
CA GLU B 501 13.45 35.74 -36.72
C GLU B 501 14.10 35.17 -35.45
N ASN B 502 13.34 35.20 -34.35
CA ASN B 502 13.88 34.93 -33.02
C ASN B 502 14.28 33.48 -32.78
N ASN B 503 13.88 32.60 -33.71
CA ASN B 503 14.36 31.22 -33.71
C ASN B 503 15.85 31.20 -33.99
N GLN B 504 16.58 30.36 -33.24
CA GLN B 504 17.99 30.11 -33.47
C GLN B 504 18.12 28.63 -33.73
N ALA B 505 18.86 28.26 -34.76
CA ALA B 505 19.09 26.86 -35.05
C ALA B 505 19.97 26.28 -33.94
N GLY B 506 19.77 24.99 -33.64
CA GLY B 506 20.53 24.31 -32.60
C GLY B 506 20.23 24.78 -31.19
N PHE B 507 19.11 25.47 -30.99
CA PHE B 507 18.75 26.01 -29.66
C PHE B 507 17.27 26.22 -29.39
N CYS B 508 16.66 27.25 -29.99
CA CYS B 508 15.21 27.44 -29.87
C CYS B 508 14.48 27.43 -31.21
N PHE B 509 13.19 27.11 -31.16
CA PHE B 509 12.31 27.19 -32.31
C PHE B 509 10.85 27.19 -31.84
N SER B 510 10.11 28.25 -32.15
CA SER B 510 8.70 28.32 -31.80
C SER B 510 7.87 27.63 -32.84
N ALA B 511 7.50 26.39 -32.57
CA ALA B 511 6.83 25.58 -33.55
C ALA B 511 5.33 25.87 -33.49
N ASP B 512 4.55 25.13 -34.27
CA ASP B 512 3.12 25.30 -34.25
C ASP B 512 2.45 23.91 -34.25
N LEU B 513 1.17 23.87 -33.89
CA LEU B 513 0.45 22.59 -33.74
C LEU B 513 0.58 21.70 -34.98
N ALA B 514 0.60 22.30 -36.17
CA ALA B 514 0.68 21.53 -37.40
C ALA B 514 2.09 20.99 -37.59
N LEU B 515 3.08 21.79 -37.25
CA LEU B 515 4.45 21.31 -37.28
C LEU B 515 4.65 20.14 -36.30
N ILE B 516 4.00 20.20 -35.14
CA ILE B 516 4.07 19.10 -34.18
C ILE B 516 3.31 17.89 -34.72
N ARG B 517 2.08 18.13 -35.19
CA ARG B 517 1.22 17.12 -35.80
C ARG B 517 1.91 16.47 -37.00
N LYS B 518 2.50 17.30 -37.84
CA LYS B 518 3.29 16.79 -38.94
C LYS B 518 4.23 15.75 -38.34
N ASN B 519 4.88 16.12 -37.24
CA ASN B 519 5.92 15.30 -36.64
C ASN B 519 5.48 14.20 -35.67
N ASP B 520 4.22 13.79 -35.79
CA ASP B 520 3.68 12.62 -35.07
C ASP B 520 3.38 12.92 -33.59
N PHE B 521 3.52 14.20 -33.21
CA PHE B 521 3.52 14.61 -31.81
C PHE B 521 4.69 13.96 -31.06
N VAL B 522 5.88 14.24 -31.58
CA VAL B 522 7.12 13.93 -30.89
C VAL B 522 7.58 15.28 -30.35
N LEU B 523 8.17 15.29 -29.15
CA LEU B 523 8.44 16.54 -28.45
C LEU B 523 9.88 16.83 -28.11
N THR B 524 10.75 15.88 -28.44
CA THR B 524 12.19 16.11 -28.44
C THR B 524 12.50 17.43 -29.16
N PRO B 525 12.99 18.45 -28.44
CA PRO B 525 13.40 19.70 -29.12
C PRO B 525 14.26 19.50 -30.35
N GLY B 526 15.05 18.44 -30.38
CA GLY B 526 15.84 18.07 -31.56
C GLY B 526 15.09 18.18 -32.89
N ARG B 527 13.93 17.56 -32.99
CA ARG B 527 13.19 17.55 -34.26
C ARG B 527 12.55 18.90 -34.68
N TYR B 528 12.96 20.00 -34.04
CA TYR B 528 12.36 21.29 -34.35
C TYR B 528 13.35 22.46 -34.46
N VAL B 529 14.49 22.38 -33.76
CA VAL B 529 15.40 23.51 -33.69
C VAL B 529 16.43 23.56 -34.83
N GLY B 530 16.46 22.51 -35.68
CA GLY B 530 17.52 22.34 -36.67
C GLY B 530 18.87 22.18 -36.00
#